data_5KWG
#
_entry.id   5KWG
#
_cell.length_a   109.770
_cell.length_b   109.770
_cell.length_c   176.070
_cell.angle_alpha   90.00
_cell.angle_beta   90.00
_cell.angle_gamma   120.00
#
_symmetry.space_group_name_H-M   'P 32 2 1'
#
loop_
_entity.id
_entity.type
_entity.pdbx_description
1 polymer 'Receptor tyrosine-protein kinase erbB-2'
2 polymer 'Ig gamma-1 chain C region'
#
loop_
_entity_poly.entity_id
_entity_poly.type
_entity_poly.pdbx_seq_one_letter_code
_entity_poly.pdbx_strand_id
1 'polypeptide(L)'
;TQVCTGTDMKLRLPASPETHLDMLRHLYQGCQVVQGNLELTYLPTNASLSFLQDIQEVQGYVLIAHNQVRQVPLQRLRIV
RGTQLFEDNYALAVLDNGDPLNNTTPVTGASPGGLRELQLRSLTEILKGGVLIQRNPQLCYQDTILWKDIFHKNNQLALT
LIDTNRSRACHPCSPMCKGSRCWGESSEDCQSLTRTVCAGGCARCKGPLPTDCCHEQCAAGCTGPKHSDCLACLHFNHSG
ICELHCPALVTYNTDTFESMPNPEGRYTFGASCVTACPYNYLSTDVGSCTLVCPLHNQEVTAEDGTQRCEKCSKPCARVC
YGLGMEHLREVRAVTSANIQEFAGCKKIFGSLAFLPESFDGDPASNTAPLQPEQLQVFETLEEITGYLYISAWPDSLPDL
SVFQNLQVIRGRILHNGAYSLTLQGLGISWLGLRSLRELGSGLALIHHNTHLCFVHTVPWDQLFRNPHQALLHTANRPED
ECVGEGLACHQLCARGHCWGPGPTQCVNCSQFLRGQECVEECRVLQGLPREYVNARHCLPCHPECQPQNGSVTCFGPEAD
QCVACAHYKDPPFCVARCPSGVKPDLSYMPIWKFPDEEGACQPCPINCTHSCVDLDDKGCPAEQRASPLTS
;
C
2 'polypeptide(L)'
;TCPPCPAPELLGGPSVFLFPPKPKDTLMISRTPEVTCVVVDVSHEDPEVKFNWYVDGVEVHNAKTKPREEQYNSTYRVVS
VLTVLHQDWLNGKEYKCKVSNKALPAPIEKTISKAKGQPREPQVYTLPPSRDEYLYGDVSLTCLVKGFYPSDIAVEWESN
GQPENNYKTTPPVLDSDGSFFLYSKLTVPRHSARMWRWAHGNVFSCSVMHEALHNHYTQKSLSLSPGK
;
A
#
# COMPACT_ATOMS: atom_id res chain seq x y z
N THR A 1 -1.26 12.22 -11.37
CA THR A 1 -0.05 11.43 -11.71
C THR A 1 1.00 12.31 -12.36
N GLN A 2 0.77 12.68 -13.62
CA GLN A 2 1.64 13.59 -14.34
C GLN A 2 1.25 15.06 -14.13
N VAL A 3 0.36 15.33 -13.17
CA VAL A 3 -0.12 16.68 -12.91
C VAL A 3 -0.19 16.89 -11.41
N CYS A 4 -0.51 18.12 -11.01
CA CYS A 4 -0.72 18.48 -9.62
C CYS A 4 -2.08 19.15 -9.48
N THR A 5 -2.41 19.55 -8.25
CA THR A 5 -3.73 20.07 -7.92
C THR A 5 -3.61 21.47 -7.35
N GLY A 6 -4.68 22.24 -7.50
CA GLY A 6 -4.73 23.59 -6.99
C GLY A 6 -4.70 23.62 -5.47
N THR A 7 -4.76 24.83 -4.93
CA THR A 7 -4.72 25.05 -3.49
C THR A 7 -5.75 26.11 -3.12
N ASP A 8 -5.76 26.49 -1.84
CA ASP A 8 -6.76 27.42 -1.34
C ASP A 8 -6.16 28.50 -0.44
N MET A 9 -4.84 28.62 -0.37
CA MET A 9 -4.23 29.73 0.36
C MET A 9 -4.66 31.07 -0.25
N LYS A 10 -5.02 32.00 0.62
CA LYS A 10 -5.38 33.36 0.20
C LYS A 10 -4.66 34.30 1.17
N LEU A 11 -3.54 34.85 0.71
CA LEU A 11 -2.60 35.58 1.58
C LEU A 11 -2.42 34.83 2.89
N ARG A 12 -2.31 33.51 2.80
CA ARG A 12 -2.23 32.65 3.97
C ARG A 12 -0.83 32.68 4.59
N LEU A 13 -0.77 32.38 5.88
CA LEU A 13 0.49 32.33 6.63
C LEU A 13 0.76 30.91 7.11
N PRO A 14 1.57 30.13 6.38
CA PRO A 14 1.97 28.82 6.91
C PRO A 14 2.97 28.96 8.04
N ALA A 15 3.34 27.84 8.67
CA ALA A 15 4.30 27.83 9.75
C ALA A 15 5.58 27.13 9.32
N SER A 16 6.70 27.58 9.90
CA SER A 16 8.01 27.07 9.53
C SER A 16 8.15 27.11 8.01
N PRO A 17 8.43 28.28 7.42
CA PRO A 17 8.47 28.38 5.95
C PRO A 17 9.48 27.46 5.31
N GLU A 18 10.35 26.80 6.08
CA GLU A 18 11.17 25.74 5.52
C GLU A 18 10.30 24.57 5.06
N THR A 19 9.17 24.35 5.74
CA THR A 19 8.19 23.37 5.27
C THR A 19 7.41 23.93 4.08
N HIS A 20 6.96 25.18 4.18
CA HIS A 20 6.35 25.85 3.02
C HIS A 20 7.25 25.71 1.80
N LEU A 21 8.56 25.76 1.99
CA LEU A 21 9.50 25.57 0.89
C LEU A 21 9.42 24.16 0.34
N ASP A 22 9.48 23.16 1.21
CA ASP A 22 9.28 21.77 0.81
C ASP A 22 7.82 21.42 0.58
N MET A 23 6.90 22.37 0.78
CA MET A 23 5.48 22.10 0.66
C MET A 23 5.06 21.78 -0.77
N LEU A 24 5.93 21.99 -1.75
CA LEU A 24 5.53 21.96 -3.15
C LEU A 24 6.50 21.23 -4.06
N ARG A 25 7.75 21.00 -3.66
CA ARG A 25 8.63 20.15 -4.46
C ARG A 25 8.03 18.78 -4.65
N HIS A 26 7.28 18.29 -3.66
CA HIS A 26 6.55 17.04 -3.81
C HIS A 26 5.24 17.22 -4.56
N LEU A 27 4.75 18.45 -4.67
CA LEU A 27 3.53 18.73 -5.43
C LEU A 27 3.80 18.94 -6.91
N TYR A 28 4.73 19.84 -7.24
CA TYR A 28 4.87 20.34 -8.59
C TYR A 28 6.05 19.75 -9.36
N GLN A 29 7.02 19.13 -8.67
CA GLN A 29 8.05 18.38 -9.39
C GLN A 29 7.39 17.27 -10.19
N GLY A 30 7.76 17.17 -11.46
CA GLY A 30 7.10 16.22 -12.33
C GLY A 30 5.65 16.55 -12.62
N CYS A 31 5.22 17.78 -12.34
CA CYS A 31 3.87 18.22 -12.65
C CYS A 31 3.87 19.09 -13.90
N GLN A 32 2.89 18.86 -14.77
CA GLN A 32 2.72 19.67 -15.97
C GLN A 32 1.83 20.88 -15.71
N VAL A 33 0.65 20.65 -15.13
CA VAL A 33 -0.32 21.72 -14.96
C VAL A 33 -1.07 21.53 -13.64
N VAL A 34 -1.96 22.48 -13.32
CA VAL A 34 -2.64 22.49 -12.03
C VAL A 34 -4.14 22.31 -12.25
N GLN A 35 -4.79 21.68 -11.28
CA GLN A 35 -6.24 21.55 -11.25
C GLN A 35 -6.80 22.44 -10.14
N GLY A 36 -6.74 23.74 -10.37
CA GLY A 36 -7.26 24.71 -9.42
C GLY A 36 -6.42 25.95 -9.30
N ASN A 37 -6.28 26.47 -8.08
CA ASN A 37 -5.57 27.71 -7.83
C ASN A 37 -4.11 27.45 -7.51
N LEU A 38 -3.23 28.29 -8.05
CA LEU A 38 -1.81 28.27 -7.74
C LEU A 38 -1.47 29.46 -6.86
N GLU A 39 -0.84 29.19 -5.72
CA GLU A 39 -0.67 30.18 -4.67
C GLU A 39 0.78 30.20 -4.21
N LEU A 40 1.45 31.35 -4.40
CA LEU A 40 2.84 31.53 -4.02
C LEU A 40 2.91 32.67 -3.00
N THR A 41 3.44 32.38 -1.82
CA THR A 41 3.54 33.38 -0.77
C THR A 41 4.74 33.10 0.11
N TYR A 42 5.31 34.17 0.66
CA TYR A 42 6.35 34.07 1.67
C TYR A 42 7.51 33.19 1.22
N LEU A 43 8.39 33.75 0.38
CA LEU A 43 9.57 33.03 -0.10
C LEU A 43 10.74 34.00 -0.22
N PRO A 44 11.84 33.78 0.50
CA PRO A 44 13.01 34.65 0.36
C PRO A 44 13.86 34.27 -0.85
N THR A 45 14.96 35.01 -1.03
CA THR A 45 15.86 34.76 -2.15
C THR A 45 16.21 33.28 -2.26
N ASN A 46 16.66 32.67 -1.16
CA ASN A 46 16.94 31.25 -1.12
C ASN A 46 15.74 30.47 -1.66
N ALA A 47 15.91 29.80 -2.80
CA ALA A 47 14.77 29.16 -3.46
C ALA A 47 15.28 28.12 -4.45
N SER A 48 14.84 26.87 -4.27
CA SER A 48 15.11 25.79 -5.21
C SER A 48 13.83 25.55 -5.99
N LEU A 49 13.65 26.30 -7.08
CA LEU A 49 12.40 26.34 -7.81
C LEU A 49 12.49 25.71 -9.18
N SER A 50 13.54 24.93 -9.44
CA SER A 50 13.69 24.29 -10.75
C SER A 50 12.48 23.43 -11.10
N PHE A 51 11.85 22.83 -10.08
CA PHE A 51 10.68 21.97 -10.33
C PHE A 51 9.54 22.71 -11.01
N LEU A 52 9.55 24.05 -10.96
CA LEU A 52 8.55 24.86 -11.66
C LEU A 52 8.93 25.13 -13.11
N GLN A 53 9.99 24.48 -13.61
CA GLN A 53 10.48 24.78 -14.94
C GLN A 53 9.41 24.55 -16.01
N ASP A 54 8.63 23.49 -15.87
CA ASP A 54 7.68 23.06 -16.90
C ASP A 54 6.27 23.14 -16.35
N ILE A 55 5.59 24.27 -16.61
CA ILE A 55 4.20 24.48 -16.25
C ILE A 55 3.49 25.05 -17.47
N GLN A 56 2.24 24.62 -17.68
CA GLN A 56 1.57 24.93 -18.95
C GLN A 56 0.15 25.46 -18.79
N GLU A 57 -0.55 25.13 -17.71
CA GLU A 57 -1.97 25.46 -17.63
C GLU A 57 -2.37 25.74 -16.19
N VAL A 58 -3.55 26.36 -16.05
CA VAL A 58 -4.15 26.66 -14.75
C VAL A 58 -5.66 26.53 -14.90
N GLN A 59 -6.32 26.15 -13.80
CA GLN A 59 -7.77 26.12 -13.75
C GLN A 59 -8.38 27.17 -12.85
N GLY A 60 -7.63 27.66 -11.86
CA GLY A 60 -8.15 28.65 -10.93
C GLY A 60 -7.30 29.90 -10.88
N TYR A 61 -7.43 30.68 -9.81
CA TYR A 61 -6.70 31.94 -9.71
C TYR A 61 -5.24 31.68 -9.35
N VAL A 62 -4.34 32.35 -10.05
CA VAL A 62 -2.93 32.38 -9.69
C VAL A 62 -2.74 33.52 -8.71
N LEU A 63 -1.72 33.41 -7.85
CA LEU A 63 -1.53 34.43 -6.82
C LEU A 63 -0.08 34.48 -6.39
N ILE A 64 0.42 35.70 -6.23
CA ILE A 64 1.71 35.96 -5.61
C ILE A 64 1.55 37.17 -4.70
N ALA A 65 2.26 37.16 -3.58
CA ALA A 65 2.22 38.30 -2.67
C ALA A 65 3.17 38.03 -1.51
N HIS A 66 3.61 39.11 -0.87
CA HIS A 66 4.51 39.02 0.28
C HIS A 66 5.66 38.07 0.00
N ASN A 67 6.18 38.11 -1.22
CA ASN A 67 7.25 37.22 -1.67
C ASN A 67 8.46 38.07 -2.01
N GLN A 68 9.59 37.77 -1.37
CA GLN A 68 10.79 38.60 -1.49
C GLN A 68 11.90 37.87 -2.25
N VAL A 69 11.61 37.44 -3.47
CA VAL A 69 12.62 36.82 -4.32
C VAL A 69 12.97 37.78 -5.45
N ARG A 70 14.15 37.59 -6.02
CA ARG A 70 14.62 38.39 -7.14
C ARG A 70 14.39 37.73 -8.49
N GLN A 71 13.95 36.47 -8.52
CA GLN A 71 13.70 35.77 -9.78
C GLN A 71 12.64 34.70 -9.57
N VAL A 72 11.97 34.35 -10.65
CA VAL A 72 10.99 33.26 -10.67
C VAL A 72 11.20 32.44 -11.95
N PRO A 73 11.51 31.13 -11.86
CA PRO A 73 11.71 30.31 -13.06
C PRO A 73 10.40 29.78 -13.65
N LEU A 74 9.44 30.68 -13.85
CA LEU A 74 8.15 30.33 -14.42
C LEU A 74 8.17 30.63 -15.91
N GLN A 75 8.22 29.58 -16.73
CA GLN A 75 8.17 29.72 -18.16
C GLN A 75 7.40 28.54 -18.73
N ARG A 76 7.16 28.58 -20.05
CA ARG A 76 6.42 27.56 -20.77
C ARG A 76 4.94 27.54 -20.40
N LEU A 77 4.48 28.46 -19.56
CA LEU A 77 3.08 28.57 -19.18
C LEU A 77 2.34 29.41 -20.22
N ARG A 78 1.23 28.89 -20.75
CA ARG A 78 0.52 29.57 -21.82
C ARG A 78 -1.00 29.55 -21.67
N ILE A 79 -1.54 29.12 -20.53
CA ILE A 79 -2.98 29.06 -20.34
C ILE A 79 -3.32 29.44 -18.91
N VAL A 80 -4.41 30.19 -18.75
CA VAL A 80 -5.08 30.37 -17.46
C VAL A 80 -6.58 30.42 -17.73
N ARG A 81 -7.34 29.58 -17.03
CA ARG A 81 -8.76 29.46 -17.27
C ARG A 81 -9.63 30.20 -16.25
N GLY A 82 -9.19 30.26 -15.00
CA GLY A 82 -9.87 31.10 -14.01
C GLY A 82 -11.21 30.58 -13.56
N THR A 83 -11.34 29.27 -13.35
CA THR A 83 -12.57 28.74 -12.77
C THR A 83 -12.83 29.35 -11.40
N GLN A 84 -11.78 29.63 -10.65
CA GLN A 84 -11.86 30.32 -9.36
C GLN A 84 -11.05 31.61 -9.44
N LEU A 85 -11.49 32.63 -8.71
CA LEU A 85 -10.95 33.97 -8.87
C LEU A 85 -10.69 34.60 -7.50
N PHE A 86 -9.56 35.28 -7.38
CA PHE A 86 -9.26 36.04 -6.18
C PHE A 86 -10.31 37.11 -5.95
N GLU A 87 -10.92 37.12 -4.77
CA GLU A 87 -12.08 37.95 -4.49
C GLU A 87 -13.21 37.65 -5.47
N ASP A 88 -13.22 36.44 -6.01
CA ASP A 88 -14.20 36.03 -7.02
C ASP A 88 -14.23 37.00 -8.18
N ASN A 89 -13.08 37.57 -8.52
CA ASN A 89 -13.01 38.62 -9.54
C ASN A 89 -11.81 38.48 -10.47
N TYR A 90 -10.63 38.20 -9.92
CA TYR A 90 -9.38 38.27 -10.68
C TYR A 90 -8.84 36.88 -10.99
N ALA A 91 -8.15 36.79 -12.13
CA ALA A 91 -7.49 35.56 -12.55
C ALA A 91 -6.06 35.44 -12.02
N LEU A 92 -5.44 36.54 -11.60
CA LEU A 92 -4.08 36.54 -11.12
C LEU A 92 -3.81 37.87 -10.44
N ALA A 93 -3.07 37.83 -9.33
CA ALA A 93 -2.84 39.04 -8.55
C ALA A 93 -1.43 39.05 -7.97
N VAL A 94 -0.99 40.24 -7.56
CA VAL A 94 0.35 40.46 -7.02
C VAL A 94 0.25 41.60 -6.00
N LEU A 95 0.86 41.42 -4.82
CA LEU A 95 0.76 42.43 -3.78
C LEU A 95 1.95 42.36 -2.83
N ASP A 96 2.48 43.53 -2.49
CA ASP A 96 3.48 43.71 -1.43
C ASP A 96 4.55 42.62 -1.45
N ASN A 97 5.25 42.55 -2.59
CA ASN A 97 6.36 41.61 -2.73
C ASN A 97 7.67 42.38 -2.49
N GLY A 98 7.95 42.61 -1.21
CA GLY A 98 9.13 43.36 -0.83
C GLY A 98 9.44 43.20 0.64
N ASP A 99 10.34 44.05 1.11
CA ASP A 99 10.85 43.99 2.49
C ASP A 99 10.83 45.38 3.10
N PRO A 100 9.96 45.65 4.08
CA PRO A 100 10.00 46.94 4.80
C PRO A 100 10.93 46.96 6.00
N LEU A 101 11.79 45.96 6.18
CA LEU A 101 12.74 45.93 7.29
C LEU A 101 14.12 45.53 6.77
N ASN A 102 15.07 45.32 7.67
CA ASN A 102 16.41 44.88 7.27
C ASN A 102 16.49 43.36 7.27
N THR A 108 24.62 45.06 4.43
CA THR A 108 25.76 44.20 4.11
C THR A 108 25.56 43.51 2.77
N GLY A 109 24.68 42.50 2.76
CA GLY A 109 24.44 41.76 1.54
C GLY A 109 23.89 42.66 0.44
N ALA A 110 24.38 42.46 -0.78
CA ALA A 110 23.96 43.24 -1.93
C ALA A 110 22.66 42.66 -2.49
N SER A 111 21.55 43.36 -2.28
CA SER A 111 20.26 42.91 -2.77
C SER A 111 19.22 44.02 -2.66
N PRO A 112 18.20 44.03 -3.51
CA PRO A 112 17.13 45.02 -3.35
C PRO A 112 16.16 44.67 -2.23
N GLY A 113 15.84 43.38 -2.10
CA GLY A 113 14.87 42.91 -1.15
C GLY A 113 13.53 42.51 -1.72
N GLY A 114 13.44 42.30 -3.03
CA GLY A 114 12.19 41.91 -3.65
C GLY A 114 12.45 41.38 -5.05
N LEU A 115 11.46 41.54 -5.92
CA LEU A 115 11.54 41.07 -7.29
C LEU A 115 11.63 42.25 -8.24
N ARG A 116 12.43 42.10 -9.29
CA ARG A 116 12.66 43.18 -10.25
C ARG A 116 11.86 43.03 -11.53
N GLU A 117 11.71 41.81 -12.05
CA GLU A 117 11.04 41.59 -13.32
C GLU A 117 10.26 40.29 -13.26
N LEU A 118 9.24 40.21 -14.12
CA LEU A 118 8.33 39.06 -14.15
C LEU A 118 8.82 37.97 -15.10
N GLN A 119 9.10 38.34 -16.35
CA GLN A 119 9.58 37.37 -17.34
C GLN A 119 8.61 36.21 -17.49
N LEU A 120 7.53 36.41 -18.27
CA LEU A 120 6.55 35.37 -18.57
C LEU A 120 6.16 35.49 -20.05
N ARG A 121 7.12 35.21 -20.93
CA ARG A 121 6.88 35.32 -22.36
C ARG A 121 5.94 34.24 -22.88
N SER A 122 5.92 33.07 -22.21
CA SER A 122 5.15 31.95 -22.71
C SER A 122 3.65 32.16 -22.61
N LEU A 123 3.19 33.13 -21.82
CA LEU A 123 1.77 33.31 -21.61
C LEU A 123 1.12 33.93 -22.83
N THR A 124 0.03 33.31 -23.30
CA THR A 124 -0.66 33.77 -24.50
C THR A 124 -2.18 33.74 -24.43
N GLU A 125 -2.78 33.05 -23.47
CA GLU A 125 -4.23 32.88 -23.44
C GLU A 125 -4.76 33.11 -22.03
N ILE A 126 -5.98 33.63 -21.97
CA ILE A 126 -6.68 33.87 -20.71
C ILE A 126 -8.16 33.58 -20.93
N LEU A 127 -8.85 33.21 -19.84
CA LEU A 127 -10.30 33.08 -19.87
C LEU A 127 -10.89 33.95 -18.77
N LYS A 128 -12.14 33.68 -18.38
CA LYS A 128 -12.84 34.48 -17.37
C LYS A 128 -11.93 34.88 -16.23
N GLY A 129 -11.73 36.18 -16.06
CA GLY A 129 -10.95 36.72 -14.96
C GLY A 129 -10.07 37.88 -15.36
N GLY A 130 -9.79 38.76 -14.39
CA GLY A 130 -8.91 39.87 -14.57
C GLY A 130 -7.59 39.68 -13.85
N VAL A 131 -6.90 40.80 -13.59
CA VAL A 131 -5.61 40.77 -12.92
C VAL A 131 -5.45 42.04 -12.09
N LEU A 132 -4.75 41.92 -10.96
CA LEU A 132 -4.43 43.04 -10.10
C LEU A 132 -2.96 43.01 -9.73
N ILE A 133 -2.34 44.19 -9.68
CA ILE A 133 -0.96 44.33 -9.25
C ILE A 133 -0.81 45.68 -8.56
N GLN A 134 -0.87 45.69 -7.23
CA GLN A 134 -0.81 46.92 -6.45
C GLN A 134 0.21 46.77 -5.33
N ARG A 135 0.82 47.89 -4.97
CA ARG A 135 1.80 47.95 -3.88
C ARG A 135 2.89 46.90 -4.06
N ASN A 136 3.50 46.91 -5.25
CA ASN A 136 4.57 45.97 -5.61
C ASN A 136 5.81 46.75 -6.02
N PRO A 137 6.51 47.34 -5.06
CA PRO A 137 7.69 48.14 -5.40
C PRO A 137 8.86 47.26 -5.82
N GLN A 138 9.82 47.90 -6.48
CA GLN A 138 11.11 47.31 -6.86
C GLN A 138 11.02 46.45 -8.10
N LEU A 139 9.90 46.45 -8.82
CA LEU A 139 9.77 45.69 -10.06
C LEU A 139 9.38 46.61 -11.20
N CYS A 140 9.88 46.31 -12.39
CA CYS A 140 9.62 47.08 -13.60
C CYS A 140 8.93 46.18 -14.64
N TYR A 141 8.80 46.71 -15.85
CA TYR A 141 8.15 46.01 -16.95
C TYR A 141 6.71 45.62 -16.64
N GLN A 142 6.09 46.35 -15.71
CA GLN A 142 4.64 46.33 -15.60
C GLN A 142 4.04 47.29 -16.64
N ASP A 143 2.72 47.24 -16.80
CA ASP A 143 2.01 48.06 -17.76
C ASP A 143 2.77 48.15 -19.09
N THR A 144 3.23 46.99 -19.55
CA THR A 144 4.21 46.92 -20.62
C THR A 144 3.70 46.26 -21.89
N ILE A 145 2.72 45.37 -21.81
CA ILE A 145 2.44 44.41 -22.88
C ILE A 145 0.99 44.44 -23.33
N LEU A 146 0.15 45.30 -22.76
CA LEU A 146 -1.23 45.40 -23.23
C LEU A 146 -1.96 44.08 -22.99
N TRP A 147 -2.41 43.87 -21.76
CA TRP A 147 -3.01 42.59 -21.39
C TRP A 147 -4.17 42.21 -22.31
N LYS A 148 -4.90 43.20 -22.83
CA LYS A 148 -6.11 42.92 -23.60
C LYS A 148 -5.86 41.90 -24.69
N ASP A 149 -4.72 41.99 -25.36
CA ASP A 149 -4.40 41.06 -26.44
C ASP A 149 -4.18 39.63 -25.96
N ILE A 150 -4.30 39.37 -24.66
CA ILE A 150 -4.24 38.02 -24.13
C ILE A 150 -5.64 37.55 -23.78
N PHE A 151 -6.52 38.50 -23.47
CA PHE A 151 -7.91 38.17 -23.18
C PHE A 151 -8.59 37.63 -24.43
N HIS A 152 -9.75 37.01 -24.22
CA HIS A 152 -10.58 36.49 -25.30
C HIS A 152 -11.44 37.62 -25.87
N LYS A 153 -12.15 37.31 -26.96
CA LYS A 153 -13.21 38.21 -27.40
C LYS A 153 -14.24 38.42 -26.30
N ASN A 154 -14.30 37.50 -25.35
CA ASN A 154 -15.02 37.69 -24.10
C ASN A 154 -14.07 38.28 -23.06
N ASN A 155 -14.66 38.79 -21.98
CA ASN A 155 -13.90 39.40 -20.88
C ASN A 155 -13.13 40.64 -21.32
N GLN A 156 -13.50 41.23 -22.46
CA GLN A 156 -12.92 42.52 -22.84
C GLN A 156 -13.21 43.57 -21.77
N LEU A 157 -14.36 43.48 -21.11
CA LEU A 157 -14.72 44.37 -20.04
C LEU A 157 -14.31 43.85 -18.66
N ALA A 158 -13.67 42.68 -18.60
CA ALA A 158 -13.12 42.19 -17.35
C ALA A 158 -11.92 43.03 -16.96
N LEU A 159 -12.14 44.04 -16.12
CA LEU A 159 -11.14 45.06 -15.87
C LEU A 159 -9.89 44.47 -15.23
N THR A 160 -8.88 45.34 -15.08
CA THR A 160 -7.65 45.02 -14.37
C THR A 160 -7.24 46.26 -13.59
N LEU A 161 -6.11 46.16 -12.89
CA LEU A 161 -5.58 47.30 -12.16
C LEU A 161 -4.10 47.04 -11.90
N ILE A 162 -3.29 48.09 -12.05
CA ILE A 162 -1.83 47.95 -12.06
C ILE A 162 -1.23 48.97 -11.11
N ASP A 163 -0.07 48.61 -10.55
CA ASP A 163 0.68 49.50 -9.68
C ASP A 163 1.43 50.54 -10.50
N THR A 164 1.56 51.73 -9.93
CA THR A 164 2.40 52.79 -10.47
C THR A 164 3.46 53.26 -9.49
N ASN A 165 3.16 53.26 -8.20
CA ASN A 165 4.14 53.61 -7.17
C ASN A 165 5.31 52.63 -7.23
N ARG A 166 6.44 53.09 -7.75
CA ARG A 166 7.60 52.24 -7.98
C ARG A 166 8.85 52.93 -7.44
N SER A 167 9.83 52.12 -7.06
CA SER A 167 11.05 52.63 -6.44
C SER A 167 12.19 52.77 -7.45
N ARG A 168 12.60 51.68 -8.07
CA ARG A 168 13.75 51.67 -8.95
C ARG A 168 13.35 51.96 -10.40
N ALA A 169 14.26 52.59 -11.14
CA ALA A 169 13.99 52.96 -12.51
C ALA A 169 14.04 51.74 -13.42
N CYS A 170 13.38 51.85 -14.57
CA CYS A 170 13.26 50.77 -15.53
C CYS A 170 14.30 50.91 -16.64
N HIS A 171 14.22 50.01 -17.61
CA HIS A 171 15.02 50.07 -18.82
C HIS A 171 14.11 49.97 -20.03
N PRO A 172 14.45 50.64 -21.14
CA PRO A 172 13.64 50.48 -22.35
C PRO A 172 13.57 49.03 -22.79
N CYS A 173 12.45 48.68 -23.42
CA CYS A 173 12.27 47.31 -23.88
C CYS A 173 13.32 46.97 -24.95
N SER A 174 13.51 45.68 -25.16
CA SER A 174 14.53 45.23 -26.09
C SER A 174 14.26 45.79 -27.49
N PRO A 175 15.30 46.14 -28.25
CA PRO A 175 15.07 46.62 -29.62
C PRO A 175 14.60 45.54 -30.57
N MET A 176 14.78 44.26 -30.22
CA MET A 176 14.34 43.17 -31.07
C MET A 176 12.85 42.87 -30.93
N CYS A 177 12.15 43.60 -30.08
CA CYS A 177 10.71 43.40 -29.87
C CYS A 177 9.94 44.53 -30.54
N LYS A 178 8.74 44.19 -31.03
CA LYS A 178 7.97 45.11 -31.87
C LYS A 178 7.87 46.50 -31.25
N GLY A 179 7.08 46.63 -30.19
CA GLY A 179 6.90 47.92 -29.54
C GLY A 179 7.67 48.02 -28.24
N SER A 180 6.97 47.95 -27.13
CA SER A 180 7.56 47.97 -25.80
C SER A 180 7.06 46.78 -24.99
N ARG A 181 7.06 45.59 -25.60
CA ARG A 181 6.53 44.39 -24.98
C ARG A 181 7.69 43.56 -24.44
N CYS A 182 8.12 43.90 -23.23
CA CYS A 182 9.21 43.20 -22.56
C CYS A 182 8.72 42.71 -21.21
N TRP A 183 8.49 41.40 -21.09
CA TRP A 183 8.42 40.80 -19.77
C TRP A 183 9.75 40.91 -19.05
N GLY A 184 10.85 41.03 -19.80
CA GLY A 184 12.17 41.20 -19.24
C GLY A 184 13.06 41.92 -20.24
N GLU A 185 14.19 42.43 -19.73
CA GLU A 185 15.07 43.22 -20.57
C GLU A 185 15.67 42.41 -21.71
N SER A 186 15.67 41.09 -21.60
CA SER A 186 16.27 40.25 -22.64
C SER A 186 15.31 40.05 -23.80
N SER A 187 15.89 39.92 -25.00
CA SER A 187 15.08 39.60 -26.17
C SER A 187 14.34 38.28 -25.99
N GLU A 188 14.86 37.40 -25.15
CA GLU A 188 14.22 36.12 -24.85
C GLU A 188 12.87 36.32 -24.15
N ASP A 189 12.53 37.56 -23.82
CA ASP A 189 11.27 37.87 -23.16
C ASP A 189 10.44 38.86 -23.97
N CYS A 190 10.57 38.82 -25.29
CA CYS A 190 9.72 39.60 -26.18
C CYS A 190 8.29 39.06 -26.08
N GLN A 191 7.42 39.48 -27.00
CA GLN A 191 6.02 39.08 -26.94
C GLN A 191 5.44 38.86 -28.32
N SER A 192 4.55 37.87 -28.40
CA SER A 192 3.64 37.71 -29.53
C SER A 192 2.21 37.74 -28.99
N LEU A 193 1.27 38.10 -29.86
CA LEU A 193 -0.12 38.28 -29.46
C LEU A 193 -1.04 37.58 -30.45
N THR A 194 -2.31 37.47 -30.07
CA THR A 194 -3.29 36.72 -30.86
C THR A 194 -4.67 37.34 -30.70
N ARG A 195 -4.77 38.66 -30.88
CA ARG A 195 -6.06 39.33 -30.77
C ARG A 195 -6.31 40.26 -31.95
N THR A 196 -5.48 41.30 -32.09
CA THR A 196 -5.76 42.35 -33.07
C THR A 196 -5.35 41.92 -34.48
N VAL A 197 -4.13 41.42 -34.63
CA VAL A 197 -3.61 41.08 -35.95
C VAL A 197 -4.43 39.97 -36.62
N CYS A 198 -5.26 39.27 -35.86
CA CYS A 198 -5.99 38.13 -36.39
C CYS A 198 -6.86 38.53 -37.58
N ALA A 199 -7.29 37.51 -38.34
CA ALA A 199 -8.08 37.69 -39.55
C ALA A 199 -9.51 38.05 -39.16
N GLY A 200 -9.78 39.33 -39.01
CA GLY A 200 -11.11 39.79 -38.67
C GLY A 200 -11.67 39.14 -37.41
N GLY A 201 -12.68 38.30 -37.57
CA GLY A 201 -13.27 37.61 -36.44
C GLY A 201 -12.43 36.47 -35.89
N CYS A 202 -11.39 36.04 -36.61
CA CYS A 202 -10.52 34.98 -36.13
C CYS A 202 -10.09 35.26 -34.69
N ALA A 203 -10.14 34.23 -33.85
CA ALA A 203 -9.86 34.42 -32.43
C ALA A 203 -8.36 34.52 -32.17
N ARG A 204 -7.57 33.62 -32.73
CA ARG A 204 -6.13 33.59 -32.51
C ARG A 204 -5.42 33.27 -33.81
N CYS A 205 -4.13 33.63 -33.87
CA CYS A 205 -3.36 33.43 -35.08
C CYS A 205 -1.88 33.64 -34.77
N LYS A 206 -1.04 32.96 -35.55
CA LYS A 206 0.39 33.24 -35.57
C LYS A 206 0.75 34.34 -36.55
N GLY A 207 -0.24 34.88 -37.27
CA GLY A 207 -0.03 35.94 -38.23
C GLY A 207 -1.36 36.36 -38.85
N PRO A 208 -1.38 37.54 -39.47
CA PRO A 208 -2.65 38.05 -40.01
C PRO A 208 -3.21 37.20 -41.14
N LEU A 209 -2.48 36.23 -41.65
CA LEU A 209 -2.97 35.41 -42.75
C LEU A 209 -4.09 34.50 -42.26
N PRO A 210 -5.18 34.34 -43.03
CA PRO A 210 -6.14 33.29 -42.71
C PRO A 210 -5.50 31.92 -42.63
N THR A 211 -4.40 31.69 -43.34
CA THR A 211 -3.63 30.47 -43.16
C THR A 211 -2.95 30.44 -41.80
N ASP A 212 -2.59 31.61 -41.28
CA ASP A 212 -2.06 31.72 -39.92
C ASP A 212 -3.16 31.79 -38.86
N CYS A 213 -4.40 32.06 -39.26
CA CYS A 213 -5.51 32.04 -38.31
C CYS A 213 -5.58 30.68 -37.63
N CYS A 214 -6.27 30.63 -36.51
CA CYS A 214 -6.33 29.42 -35.68
C CYS A 214 -7.78 29.04 -35.42
N HIS A 215 -7.96 27.77 -35.08
CA HIS A 215 -9.30 27.22 -34.86
C HIS A 215 -10.02 27.97 -33.75
N GLU A 216 -11.34 28.05 -33.88
CA GLU A 216 -12.14 28.73 -32.86
C GLU A 216 -11.91 28.12 -31.49
N GLN A 217 -12.24 26.84 -31.33
CA GLN A 217 -12.04 26.17 -30.05
C GLN A 217 -10.59 26.25 -29.60
N CYS A 218 -9.66 26.29 -30.54
CA CYS A 218 -8.25 26.40 -30.19
C CYS A 218 -7.96 27.78 -29.58
N ALA A 219 -6.82 27.87 -28.90
CA ALA A 219 -6.37 29.12 -28.31
C ALA A 219 -4.86 29.15 -28.32
N ALA A 220 -4.29 30.24 -27.81
CA ALA A 220 -2.84 30.43 -27.72
C ALA A 220 -2.16 30.47 -29.08
N GLY A 221 -2.92 30.50 -30.16
CA GLY A 221 -2.35 30.43 -31.49
C GLY A 221 -2.27 29.00 -31.99
N CYS A 222 -1.43 28.81 -33.02
CA CYS A 222 -1.30 27.51 -33.66
C CYS A 222 -0.24 27.54 -34.74
N THR A 223 0.43 26.41 -34.96
CA THR A 223 1.24 26.26 -36.17
C THR A 223 0.36 26.13 -37.41
N GLY A 224 -0.93 25.84 -37.22
CA GLY A 224 -1.90 25.79 -38.28
C GLY A 224 -3.29 25.64 -37.70
N PRO A 225 -4.31 26.15 -38.38
CA PRO A 225 -5.66 26.15 -37.79
C PRO A 225 -6.24 24.75 -37.57
N LYS A 226 -5.49 23.71 -37.94
CA LYS A 226 -5.97 22.35 -37.69
C LYS A 226 -5.81 22.00 -36.21
N HIS A 227 -6.57 20.98 -35.79
CA HIS A 227 -6.63 20.63 -34.37
C HIS A 227 -5.25 20.24 -33.85
N SER A 228 -4.64 19.23 -34.45
CA SER A 228 -3.33 18.77 -33.98
C SER A 228 -2.32 19.91 -33.92
N ASP A 229 -2.42 20.84 -34.86
CA ASP A 229 -1.53 22.00 -34.89
C ASP A 229 -1.89 23.06 -33.85
N CYS A 230 -2.84 22.78 -32.98
CA CYS A 230 -3.26 23.75 -31.97
C CYS A 230 -2.21 23.87 -30.87
N LEU A 231 -2.37 24.89 -30.03
CA LEU A 231 -1.46 25.16 -28.92
C LEU A 231 -2.14 25.11 -27.57
N ALA A 232 -3.32 25.72 -27.42
CA ALA A 232 -4.05 25.75 -26.16
C ALA A 232 -5.47 25.25 -26.42
N CYS A 233 -5.69 23.95 -26.20
CA CYS A 233 -7.02 23.39 -26.35
C CYS A 233 -7.97 23.99 -25.32
N LEU A 234 -9.13 24.45 -25.77
CA LEU A 234 -10.07 25.14 -24.89
C LEU A 234 -10.39 24.29 -23.66
N HIS A 235 -11.06 23.15 -23.87
CA HIS A 235 -11.63 22.40 -22.77
C HIS A 235 -10.97 21.04 -22.54
N PHE A 236 -10.03 20.62 -23.39
CA PHE A 236 -9.32 19.36 -23.16
C PHE A 236 -8.37 19.09 -24.31
N ASN A 237 -7.38 18.24 -24.04
CA ASN A 237 -6.42 17.77 -25.05
C ASN A 237 -6.72 16.30 -25.33
N HIS A 238 -7.78 16.08 -26.12
CA HIS A 238 -8.24 14.73 -26.44
C HIS A 238 -7.22 13.97 -27.26
N SER A 239 -6.32 13.24 -26.59
CA SER A 239 -5.30 12.44 -27.26
C SER A 239 -4.52 13.28 -28.28
N GLY A 240 -4.37 14.57 -27.99
CA GLY A 240 -3.72 15.47 -28.91
C GLY A 240 -4.65 16.22 -29.85
N ILE A 241 -5.88 16.49 -29.41
CA ILE A 241 -6.88 17.15 -30.24
C ILE A 241 -7.56 18.23 -29.42
N CYS A 242 -7.98 19.30 -30.10
CA CYS A 242 -8.73 20.39 -29.48
C CYS A 242 -10.18 20.30 -29.97
N GLU A 243 -11.00 19.56 -29.25
CA GLU A 243 -12.44 19.51 -29.47
C GLU A 243 -13.14 20.20 -28.32
N LEU A 244 -14.41 20.55 -28.53
CA LEU A 244 -15.14 21.33 -27.55
C LEU A 244 -15.57 20.48 -26.36
N HIS A 245 -16.31 19.39 -26.64
CA HIS A 245 -16.84 18.53 -25.59
C HIS A 245 -16.39 17.09 -25.83
N CYS A 246 -16.15 16.37 -24.73
CA CYS A 246 -15.75 14.98 -24.84
C CYS A 246 -16.88 14.14 -25.41
N PRO A 247 -16.58 13.04 -26.09
CA PRO A 247 -17.65 12.21 -26.66
C PRO A 247 -18.53 11.61 -25.57
N ALA A 248 -19.82 11.51 -25.87
CA ALA A 248 -20.78 11.01 -24.90
C ALA A 248 -20.52 9.54 -24.59
N LEU A 249 -20.84 9.15 -23.35
CA LEU A 249 -20.60 7.78 -22.92
C LEU A 249 -21.49 6.80 -23.67
N VAL A 250 -22.75 7.17 -23.91
CA VAL A 250 -23.70 6.29 -24.56
C VAL A 250 -24.33 7.02 -25.73
N THR A 251 -25.37 6.42 -26.32
CA THR A 251 -26.15 7.09 -27.34
C THR A 251 -27.54 6.46 -27.37
N TYR A 252 -28.55 7.29 -27.60
CA TYR A 252 -29.91 6.82 -27.75
C TYR A 252 -30.20 6.54 -29.23
N ASN A 253 -31.06 5.56 -29.47
CA ASN A 253 -31.32 5.11 -30.83
C ASN A 253 -32.09 6.19 -31.60
N THR A 254 -32.46 5.85 -32.83
CA THR A 254 -33.08 6.79 -33.76
C THR A 254 -34.13 7.66 -33.08
N ASP A 255 -35.26 7.06 -32.70
CA ASP A 255 -36.37 7.80 -32.09
C ASP A 255 -36.96 7.03 -30.92
N THR A 256 -36.12 6.32 -30.16
CA THR A 256 -36.58 5.46 -29.09
C THR A 256 -35.85 5.80 -27.80
N PHE A 257 -36.56 5.64 -26.69
CA PHE A 257 -35.94 5.70 -25.36
C PHE A 257 -35.15 4.41 -25.14
N GLU A 258 -34.12 4.21 -25.94
CA GLU A 258 -33.36 2.96 -25.96
C GLU A 258 -31.88 3.32 -26.04
N SER A 259 -31.21 3.32 -24.89
CA SER A 259 -29.81 3.69 -24.81
C SER A 259 -28.90 2.49 -25.09
N MET A 260 -27.65 2.80 -25.44
CA MET A 260 -26.64 1.77 -25.66
C MET A 260 -25.29 2.43 -25.54
N PRO A 261 -24.29 1.77 -24.96
CA PRO A 261 -23.01 2.45 -24.71
C PRO A 261 -22.34 2.92 -25.99
N ASN A 262 -21.47 3.93 -25.83
CA ASN A 262 -20.68 4.48 -26.92
C ASN A 262 -19.20 4.32 -26.57
N PRO A 263 -18.54 3.25 -27.03
CA PRO A 263 -17.14 3.03 -26.61
C PRO A 263 -16.25 4.25 -26.75
N GLU A 264 -16.42 5.05 -27.80
CA GLU A 264 -15.62 6.25 -27.98
C GLU A 264 -15.92 7.31 -26.92
N GLY A 265 -16.92 7.10 -26.07
CA GLY A 265 -17.22 8.06 -25.02
C GLY A 265 -16.07 8.23 -24.05
N ARG A 266 -16.07 9.39 -23.39
CA ARG A 266 -14.99 9.75 -22.48
C ARG A 266 -15.55 10.57 -21.33
N TYR A 267 -15.07 10.28 -20.12
CA TYR A 267 -15.47 11.07 -18.95
C TYR A 267 -14.87 12.46 -19.01
N THR A 268 -15.59 13.43 -18.47
CA THR A 268 -15.15 14.82 -18.44
C THR A 268 -14.39 15.09 -17.15
N PHE A 269 -13.18 15.64 -17.28
CA PHE A 269 -12.38 15.96 -16.11
C PHE A 269 -11.13 16.71 -16.55
N GLY A 270 -10.74 17.70 -15.74
CA GLY A 270 -9.47 18.39 -15.87
C GLY A 270 -8.92 18.50 -17.28
N ALA A 271 -9.78 18.87 -18.23
CA ALA A 271 -9.37 19.09 -19.60
C ALA A 271 -8.61 17.88 -20.15
N SER A 272 -9.28 16.72 -20.10
CA SER A 272 -8.67 15.48 -20.55
C SER A 272 -9.77 14.45 -20.75
N CYS A 273 -10.18 14.24 -21.99
CA CYS A 273 -11.12 13.16 -22.32
C CYS A 273 -10.38 11.83 -22.20
N VAL A 274 -10.78 11.02 -21.23
CA VAL A 274 -10.11 9.76 -20.94
C VAL A 274 -11.15 8.66 -20.78
N THR A 275 -10.66 7.42 -20.70
CA THR A 275 -11.54 6.27 -20.58
C THR A 275 -12.22 6.23 -19.22
N ALA A 276 -11.43 6.07 -18.17
CA ALA A 276 -11.95 5.91 -16.81
C ALA A 276 -11.54 7.11 -15.95
N CYS A 277 -12.01 7.09 -14.70
CA CYS A 277 -11.70 8.15 -13.75
C CYS A 277 -10.54 7.73 -12.87
N PRO A 278 -9.54 8.60 -12.64
CA PRO A 278 -8.41 8.21 -11.80
C PRO A 278 -8.83 7.91 -10.36
N TYR A 279 -7.86 7.45 -9.58
CA TYR A 279 -8.09 7.14 -8.18
C TYR A 279 -8.54 8.40 -7.43
N ASN A 280 -9.21 8.19 -6.29
CA ASN A 280 -9.69 9.26 -5.43
C ASN A 280 -10.84 10.05 -6.05
N TYR A 281 -11.16 9.79 -7.31
CA TYR A 281 -12.18 10.55 -8.03
C TYR A 281 -13.44 9.72 -8.17
N LEU A 282 -14.43 10.29 -8.85
CA LEU A 282 -15.77 9.72 -8.93
C LEU A 282 -16.11 9.40 -10.38
N SER A 283 -17.07 8.50 -10.55
CA SER A 283 -17.62 8.15 -11.85
C SER A 283 -19.11 8.43 -11.86
N THR A 284 -19.60 8.97 -12.97
CA THR A 284 -20.99 9.40 -13.08
C THR A 284 -21.55 8.97 -14.43
N ASP A 285 -22.82 8.55 -14.43
CA ASP A 285 -23.54 8.39 -15.68
C ASP A 285 -23.69 9.72 -16.40
N VAL A 286 -23.62 10.84 -15.67
CA VAL A 286 -23.60 12.15 -16.31
C VAL A 286 -22.42 12.26 -17.25
N GLY A 287 -21.26 11.76 -16.83
CA GLY A 287 -20.08 11.76 -17.68
C GLY A 287 -19.02 12.76 -17.24
N SER A 288 -18.67 12.74 -15.96
CA SER A 288 -17.68 13.69 -15.45
C SER A 288 -17.06 13.12 -14.19
N CYS A 289 -15.74 12.96 -14.18
CA CYS A 289 -15.02 12.65 -12.96
C CYS A 289 -14.87 13.92 -12.14
N THR A 290 -15.24 13.86 -10.87
CA THR A 290 -15.26 15.04 -10.03
C THR A 290 -14.97 14.63 -8.59
N LEU A 291 -15.12 15.58 -7.67
CA LEU A 291 -14.81 15.38 -6.26
C LEU A 291 -16.05 15.43 -5.36
N VAL A 292 -17.25 15.47 -5.95
CA VAL A 292 -18.49 15.53 -5.19
C VAL A 292 -19.54 14.71 -5.92
N CYS A 293 -20.32 13.94 -5.15
CA CYS A 293 -21.44 13.18 -5.70
C CYS A 293 -22.68 14.07 -5.61
N PRO A 294 -23.18 14.63 -6.72
CA PRO A 294 -24.11 15.76 -6.63
C PRO A 294 -25.50 15.43 -6.08
N LEU A 295 -26.43 16.34 -6.34
CA LEU A 295 -27.80 16.24 -5.82
C LEU A 295 -28.44 14.92 -6.21
N HIS A 296 -29.36 14.46 -5.35
CA HIS A 296 -30.14 13.24 -5.58
C HIS A 296 -29.29 12.15 -6.23
N ASN A 297 -28.08 11.98 -5.71
CA ASN A 297 -27.11 11.07 -6.31
C ASN A 297 -26.08 10.71 -5.25
N GLN A 298 -25.94 9.41 -4.97
CA GLN A 298 -25.07 8.92 -3.90
C GLN A 298 -24.03 7.97 -4.49
N GLU A 299 -23.17 7.44 -3.63
CA GLU A 299 -21.96 6.73 -4.05
C GLU A 299 -22.04 5.24 -3.70
N VAL A 300 -21.51 4.42 -4.60
CA VAL A 300 -21.25 3.01 -4.36
C VAL A 300 -19.95 2.64 -5.08
N THR A 301 -19.56 1.38 -4.97
CA THR A 301 -18.36 0.88 -5.64
C THR A 301 -18.75 -0.23 -6.62
N ALA A 302 -17.78 -0.59 -7.47
CA ALA A 302 -18.00 -1.63 -8.46
C ALA A 302 -16.66 -2.12 -9.01
N THR A 306 -12.43 2.59 -8.08
CA THR A 306 -13.54 1.64 -8.07
C THR A 306 -14.85 2.31 -7.69
N GLN A 307 -14.81 3.62 -7.48
CA GLN A 307 -15.96 4.37 -6.99
C GLN A 307 -16.79 4.90 -8.15
N ARG A 308 -18.07 5.13 -7.86
CA ARG A 308 -19.02 5.64 -8.84
C ARG A 308 -20.13 6.36 -8.10
N CYS A 309 -20.83 7.23 -8.83
CA CYS A 309 -21.82 8.13 -8.24
C CYS A 309 -23.10 8.09 -9.09
N GLU A 310 -24.15 7.48 -8.53
CA GLU A 310 -25.44 7.38 -9.19
C GLU A 310 -26.52 7.24 -8.13
N LYS A 311 -27.78 7.39 -8.56
CA LYS A 311 -28.90 7.28 -7.65
C LYS A 311 -29.06 5.83 -7.18
N CYS A 312 -29.72 5.67 -6.04
CA CYS A 312 -29.99 4.37 -5.44
C CYS A 312 -31.48 4.04 -5.57
N SER A 313 -31.88 2.93 -4.95
CA SER A 313 -33.28 2.47 -4.99
C SER A 313 -34.09 3.10 -3.87
N LYS A 314 -34.00 4.43 -3.75
CA LYS A 314 -34.64 5.19 -2.69
C LYS A 314 -34.25 6.65 -2.86
N PRO A 315 -35.05 7.61 -2.36
CA PRO A 315 -34.58 9.00 -2.34
C PRO A 315 -33.24 9.14 -1.65
N CYS A 316 -32.66 10.34 -1.71
CA CYS A 316 -31.35 10.60 -1.13
C CYS A 316 -31.21 9.97 0.24
N ALA A 317 -30.33 8.97 0.36
CA ALA A 317 -30.14 8.28 1.63
C ALA A 317 -29.69 9.23 2.71
N ARG A 318 -30.27 9.09 3.90
CA ARG A 318 -29.97 9.97 5.02
C ARG A 318 -28.69 9.48 5.70
N VAL A 319 -27.64 10.30 5.64
CA VAL A 319 -26.36 10.01 6.28
C VAL A 319 -25.82 11.31 6.87
N CYS A 320 -24.65 11.21 7.49
CA CYS A 320 -24.05 12.34 8.18
C CYS A 320 -23.12 13.10 7.24
N TYR A 321 -23.19 14.43 7.30
CA TYR A 321 -22.33 15.31 6.52
C TYR A 321 -21.33 16.01 7.43
N GLY A 322 -20.16 16.33 6.85
CA GLY A 322 -19.15 17.10 7.53
C GLY A 322 -19.07 18.53 7.01
N LEU A 323 -17.98 19.20 7.38
CA LEU A 323 -17.82 20.60 7.03
C LEU A 323 -17.60 20.76 5.51
N GLY A 324 -17.84 21.97 5.04
CA GLY A 324 -17.72 22.28 3.63
C GLY A 324 -18.81 21.72 2.76
N MET A 325 -19.92 21.27 3.34
CA MET A 325 -20.96 20.58 2.61
C MET A 325 -22.13 21.52 2.33
N GLU A 326 -23.21 20.97 1.77
CA GLU A 326 -24.34 21.78 1.31
C GLU A 326 -24.94 22.63 2.43
N HIS A 327 -24.63 22.35 3.70
CA HIS A 327 -25.09 23.20 4.80
C HIS A 327 -23.98 23.47 5.79
N LEU A 328 -22.72 23.26 5.41
CA LEU A 328 -21.58 23.60 6.24
C LEU A 328 -20.46 24.16 5.38
N ARG A 329 -20.84 24.97 4.37
CA ARG A 329 -19.88 25.49 3.41
C ARG A 329 -19.05 26.64 3.98
N GLU A 330 -19.69 27.53 4.73
CA GLU A 330 -19.03 28.70 5.30
C GLU A 330 -18.82 28.55 6.80
N VAL A 331 -18.46 27.35 7.24
CA VAL A 331 -18.21 27.07 8.65
C VAL A 331 -16.75 27.32 8.95
N ARG A 332 -16.46 27.72 10.19
CA ARG A 332 -15.08 27.86 10.64
C ARG A 332 -14.51 26.53 11.11
N ALA A 333 -15.10 25.94 12.15
CA ALA A 333 -14.61 24.70 12.72
C ALA A 333 -15.68 24.14 13.64
N VAL A 334 -15.30 23.16 14.46
CA VAL A 334 -16.23 22.49 15.37
C VAL A 334 -16.41 23.34 16.62
N THR A 335 -17.60 23.21 17.23
CA THR A 335 -17.92 23.93 18.45
C THR A 335 -18.74 23.00 19.35
N SER A 336 -19.22 23.57 20.47
CA SER A 336 -20.14 22.82 21.32
C SER A 336 -21.29 22.24 20.50
N ALA A 337 -21.80 23.00 19.55
CA ALA A 337 -22.87 22.52 18.68
C ALA A 337 -22.35 21.45 17.74
N ASN A 338 -23.29 20.87 16.99
CA ASN A 338 -23.00 19.89 15.95
C ASN A 338 -21.89 18.91 16.30
N ILE A 339 -21.81 18.47 17.56
CA ILE A 339 -20.86 17.43 17.95
C ILE A 339 -21.54 16.07 18.06
N GLN A 340 -22.66 16.00 18.76
CA GLN A 340 -23.43 14.76 18.75
C GLN A 340 -24.11 14.51 17.42
N GLU A 341 -24.00 15.45 16.48
CA GLU A 341 -24.45 15.24 15.12
C GLU A 341 -23.67 14.14 14.41
N PHE A 342 -22.56 13.68 15.00
CA PHE A 342 -21.80 12.55 14.49
C PHE A 342 -22.12 11.26 15.21
N ALA A 343 -23.21 11.22 15.96
CA ALA A 343 -23.55 10.04 16.76
C ALA A 343 -23.58 8.79 15.90
N GLY A 344 -22.66 7.86 16.18
CA GLY A 344 -22.63 6.57 15.51
C GLY A 344 -22.63 6.66 14.00
N CYS A 345 -22.04 7.72 13.45
CA CYS A 345 -21.96 7.88 12.00
C CYS A 345 -20.88 6.97 11.45
N LYS A 346 -21.28 5.89 10.78
CA LYS A 346 -20.30 4.96 10.22
C LYS A 346 -19.42 5.65 9.17
N LYS A 347 -19.96 6.64 8.47
CA LYS A 347 -19.27 7.21 7.32
C LYS A 347 -19.78 8.63 7.11
N ILE A 348 -18.90 9.61 7.30
CA ILE A 348 -19.25 11.02 7.12
C ILE A 348 -19.00 11.40 5.67
N PHE A 349 -19.80 12.35 5.18
CA PHE A 349 -19.62 12.93 3.85
C PHE A 349 -19.26 14.40 4.01
N GLY A 350 -18.07 14.65 4.54
CA GLY A 350 -17.52 16.00 4.61
C GLY A 350 -16.13 16.07 5.20
N SER A 351 -15.86 17.13 5.95
CA SER A 351 -14.57 17.32 6.60
C SER A 351 -14.80 17.92 7.98
N LEU A 352 -13.72 18.06 8.75
CA LEU A 352 -13.81 18.61 10.10
C LEU A 352 -12.42 19.07 10.53
N ALA A 353 -12.38 19.73 11.69
CA ALA A 353 -11.14 20.28 12.21
C ALA A 353 -11.41 20.82 13.61
N PHE A 354 -10.32 21.08 14.34
CA PHE A 354 -10.40 21.57 15.72
C PHE A 354 -9.51 22.80 15.88
N LEU A 355 -10.04 23.81 16.57
CA LEU A 355 -9.32 25.04 16.89
C LEU A 355 -9.56 25.40 18.34
N PRO A 356 -8.86 26.41 18.86
CA PRO A 356 -9.18 26.88 20.22
C PRO A 356 -10.54 27.55 20.30
N GLU A 357 -11.00 28.19 19.22
CA GLU A 357 -12.33 28.77 19.20
C GLU A 357 -13.38 27.78 19.70
N SER A 358 -13.14 26.49 19.51
CA SER A 358 -14.00 25.47 20.10
C SER A 358 -13.83 25.44 21.62
N PHE A 359 -12.58 25.43 22.09
CA PHE A 359 -12.28 25.39 23.52
C PHE A 359 -12.18 26.80 24.08
N ASP A 360 -13.28 27.55 23.96
CA ASP A 360 -13.38 28.88 24.53
C ASP A 360 -14.83 29.30 24.53
N GLY A 361 -15.21 30.08 25.54
CA GLY A 361 -16.59 30.48 25.76
C GLY A 361 -17.38 30.76 24.50
N ASP A 362 -16.78 31.51 23.57
CA ASP A 362 -17.44 31.90 22.33
C ASP A 362 -18.84 32.45 22.60
N PRO A 363 -18.99 33.37 23.58
CA PRO A 363 -20.32 33.86 23.96
C PRO A 363 -20.98 34.68 22.85
N THR A 367 -22.41 31.57 22.73
CA THR A 367 -22.53 30.14 22.48
C THR A 367 -21.83 29.37 23.60
N ALA A 368 -21.34 28.16 23.31
CA ALA A 368 -20.77 27.31 24.33
C ALA A 368 -19.50 26.63 23.82
N PRO A 369 -18.55 26.32 24.72
CA PRO A 369 -17.35 25.58 24.31
C PRO A 369 -17.50 24.06 24.40
N LEU A 370 -16.43 23.34 24.11
CA LEU A 370 -16.45 21.88 24.08
C LEU A 370 -15.81 21.32 25.36
N GLN A 371 -15.83 19.99 25.47
CA GLN A 371 -15.36 19.28 26.64
C GLN A 371 -14.71 17.97 26.22
N PRO A 372 -13.74 17.47 26.99
CA PRO A 372 -13.11 16.19 26.62
C PRO A 372 -14.08 15.02 26.60
N GLU A 373 -14.84 14.82 27.67
CA GLU A 373 -15.57 13.58 27.86
C GLU A 373 -16.70 13.40 26.85
N GLN A 374 -17.20 14.50 26.27
CA GLN A 374 -18.26 14.42 25.26
C GLN A 374 -17.65 14.01 23.92
N LEU A 375 -17.06 12.82 23.90
CA LEU A 375 -16.23 12.40 22.79
C LEU A 375 -16.37 10.88 22.65
N GLN A 376 -15.43 10.25 21.95
CA GLN A 376 -15.36 8.82 21.71
C GLN A 376 -16.36 8.37 20.65
N VAL A 377 -17.09 9.30 20.02
CA VAL A 377 -17.93 8.92 18.88
C VAL A 377 -17.08 8.39 17.75
N PHE A 378 -15.80 8.74 17.71
CA PHE A 378 -14.90 8.34 16.63
C PHE A 378 -14.35 6.93 16.81
N GLU A 379 -14.76 6.22 17.87
CA GLU A 379 -14.61 4.78 17.90
C GLU A 379 -15.56 4.09 16.92
N THR A 380 -16.43 4.86 16.25
CA THR A 380 -17.41 4.33 15.31
C THR A 380 -17.03 4.60 13.86
N LEU A 381 -16.49 5.78 13.56
CA LEU A 381 -16.29 6.19 12.17
C LEU A 381 -15.42 5.18 11.44
N GLU A 382 -15.79 4.91 10.18
CA GLU A 382 -15.04 4.01 9.33
C GLU A 382 -14.53 4.66 8.05
N GLU A 383 -14.94 5.88 7.74
CA GLU A 383 -14.44 6.58 6.57
C GLU A 383 -14.93 8.02 6.59
N ILE A 384 -14.09 8.91 6.04
CA ILE A 384 -14.42 10.32 5.86
C ILE A 384 -14.16 10.65 4.40
N THR A 385 -14.69 11.80 3.96
CA THR A 385 -14.48 12.24 2.59
C THR A 385 -13.49 13.39 2.48
N GLY A 386 -13.36 14.22 3.49
CA GLY A 386 -12.52 15.40 3.42
C GLY A 386 -11.24 15.33 4.20
N TYR A 387 -10.83 16.45 4.79
CA TYR A 387 -9.52 16.63 5.38
C TYR A 387 -9.62 16.78 6.89
N LEU A 388 -8.53 17.25 7.50
CA LEU A 388 -8.49 17.49 8.93
C LEU A 388 -7.57 18.68 9.20
N TYR A 389 -7.67 19.22 10.41
CA TYR A 389 -6.85 20.35 10.84
C TYR A 389 -7.02 20.53 12.35
N ILE A 390 -5.91 20.79 13.03
CA ILE A 390 -5.92 20.94 14.49
C ILE A 390 -5.01 22.11 14.84
N SER A 391 -5.29 22.75 15.97
CA SER A 391 -4.49 23.87 16.43
C SER A 391 -4.19 23.80 17.92
N ALA A 392 -5.16 23.33 18.71
CA ALA A 392 -4.99 23.26 20.16
C ALA A 392 -5.63 21.98 20.69
N TRP A 393 -5.38 21.72 21.97
CA TRP A 393 -5.82 20.49 22.63
C TRP A 393 -5.46 20.56 24.12
N PRO A 394 -6.30 20.07 25.02
CA PRO A 394 -6.01 20.21 26.45
C PRO A 394 -4.90 19.27 26.90
N ASP A 395 -4.22 19.68 27.98
CA ASP A 395 -3.12 18.88 28.52
C ASP A 395 -3.63 17.62 29.21
N SER A 396 -4.84 17.66 29.76
CA SER A 396 -5.37 16.55 30.54
C SER A 396 -5.64 15.31 29.70
N LEU A 397 -5.49 15.39 28.38
CA LEU A 397 -5.73 14.24 27.49
C LEU A 397 -4.40 13.74 26.94
N PRO A 398 -3.83 12.66 27.47
CA PRO A 398 -2.52 12.21 26.96
C PRO A 398 -2.53 11.88 25.48
N ASP A 399 -3.49 11.09 25.01
CA ASP A 399 -3.45 10.57 23.65
C ASP A 399 -4.76 10.82 22.91
N LEU A 400 -4.86 10.25 21.71
CA LEU A 400 -6.05 10.34 20.86
C LEU A 400 -6.58 8.94 20.54
N SER A 401 -6.54 8.04 21.52
CA SER A 401 -7.00 6.68 21.29
C SER A 401 -8.44 6.65 20.80
N VAL A 402 -9.21 7.70 21.05
CA VAL A 402 -10.62 7.77 20.65
C VAL A 402 -10.79 7.27 19.21
N PHE A 403 -9.78 7.48 18.38
CA PHE A 403 -9.76 6.94 17.02
C PHE A 403 -9.22 5.52 16.97
N GLN A 404 -9.58 4.67 17.95
CA GLN A 404 -9.03 3.31 17.98
C GLN A 404 -9.20 2.59 16.66
N ASN A 405 -10.19 2.97 15.86
CA ASN A 405 -10.45 2.30 14.59
C ASN A 405 -11.03 3.30 13.59
N LEU A 406 -10.22 3.71 12.62
CA LEU A 406 -10.69 4.38 11.42
C LEU A 406 -9.92 3.82 10.23
N GLN A 407 -10.65 3.55 9.15
CA GLN A 407 -10.06 2.83 8.03
C GLN A 407 -9.17 3.73 7.18
N VAL A 408 -9.70 4.88 6.73
CA VAL A 408 -9.04 5.69 5.72
C VAL A 408 -9.60 7.10 5.79
N ILE A 409 -8.82 8.07 5.33
CA ILE A 409 -9.29 9.44 5.18
C ILE A 409 -9.96 9.65 3.82
N ARG A 410 -9.26 9.30 2.74
CA ARG A 410 -9.81 9.45 1.39
C ARG A 410 -10.17 10.91 1.11
N GLY A 411 -9.32 11.82 1.55
CA GLY A 411 -9.63 13.24 1.55
C GLY A 411 -9.66 13.88 0.18
N ARG A 412 -10.86 14.17 -0.33
CA ARG A 412 -11.01 14.89 -1.58
C ARG A 412 -10.66 16.36 -1.36
N ILE A 413 -11.51 17.06 -0.60
CA ILE A 413 -11.21 18.45 -0.26
C ILE A 413 -10.08 18.49 0.76
N LEU A 414 -9.29 19.55 0.71
CA LEU A 414 -8.06 19.66 1.48
C LEU A 414 -7.96 21.03 2.14
N HIS A 415 -7.30 21.09 3.30
CA HIS A 415 -7.13 22.36 3.99
C HIS A 415 -6.13 23.22 3.23
N ASN A 416 -6.47 24.49 3.05
CA ASN A 416 -5.71 25.38 2.17
C ASN A 416 -5.52 24.73 0.80
N GLY A 417 -6.43 23.83 0.45
CA GLY A 417 -6.40 23.15 -0.84
C GLY A 417 -5.16 22.31 -1.07
N ALA A 418 -4.54 21.79 -0.01
CA ALA A 418 -3.29 21.06 -0.19
C ALA A 418 -3.10 19.91 0.79
N TYR A 419 -3.76 19.94 1.95
CA TYR A 419 -3.48 19.01 3.03
C TYR A 419 -4.60 17.98 3.18
N SER A 420 -4.22 16.70 3.21
CA SER A 420 -5.15 15.66 3.63
C SER A 420 -5.49 15.79 5.11
N LEU A 421 -4.55 16.28 5.91
CA LEU A 421 -4.77 16.49 7.33
C LEU A 421 -3.75 17.50 7.82
N THR A 422 -3.98 18.04 9.01
CA THR A 422 -3.08 18.98 9.63
C THR A 422 -3.16 18.84 11.13
N LEU A 423 -2.04 19.11 11.80
CA LEU A 423 -1.96 18.99 13.25
C LEU A 423 -0.73 19.76 13.72
N GLN A 424 -0.92 20.67 14.67
CA GLN A 424 0.21 21.42 15.23
C GLN A 424 -0.26 22.24 16.42
N GLY A 425 0.67 22.52 17.32
CA GLY A 425 0.39 23.33 18.49
C GLY A 425 -0.19 22.59 19.67
N LEU A 426 0.15 21.31 19.83
CA LEU A 426 -0.41 20.46 20.87
C LEU A 426 0.68 20.03 21.85
N GLY A 427 0.27 19.25 22.85
CA GLY A 427 1.19 18.75 23.85
C GLY A 427 0.94 17.31 24.23
N ILE A 428 0.43 16.52 23.29
CA ILE A 428 0.24 15.09 23.53
C ILE A 428 1.58 14.37 23.42
N SER A 429 1.63 13.16 23.97
CA SER A 429 2.87 12.39 24.01
C SER A 429 3.03 11.47 22.80
N TRP A 430 1.93 10.91 22.29
CA TRP A 430 2.00 9.97 21.19
C TRP A 430 0.65 9.93 20.49
N LEU A 431 0.51 9.03 19.52
CA LEU A 431 -0.69 8.91 18.71
C LEU A 431 -0.98 7.43 18.47
N GLY A 432 -2.24 7.13 18.19
CA GLY A 432 -2.66 5.74 18.04
C GLY A 432 -3.68 5.48 16.95
N LEU A 433 -3.47 6.05 15.76
CA LEU A 433 -4.31 5.78 14.59
C LEU A 433 -3.77 4.52 13.93
N ARG A 434 -4.26 3.37 14.37
CA ARG A 434 -3.65 2.08 14.04
C ARG A 434 -4.27 1.39 12.84
N SER A 435 -5.56 1.61 12.57
CA SER A 435 -6.27 0.87 11.53
C SER A 435 -6.21 1.56 10.17
N LEU A 436 -5.07 2.11 9.80
CA LEU A 436 -4.90 2.78 8.51
C LEU A 436 -4.00 1.96 7.62
N ARG A 437 -4.42 1.80 6.36
CA ARG A 437 -3.62 1.13 5.35
C ARG A 437 -3.56 1.90 4.04
N GLU A 438 -4.21 3.06 3.95
CA GLU A 438 -4.39 3.75 2.69
C GLU A 438 -4.74 5.20 2.95
N LEU A 439 -4.41 6.06 1.97
CA LEU A 439 -4.71 7.48 2.04
C LEU A 439 -4.89 8.00 0.62
N GLY A 440 -5.92 8.81 0.43
CA GLY A 440 -6.22 9.37 -0.88
C GLY A 440 -5.34 10.55 -1.23
N SER A 441 -5.95 11.59 -1.79
CA SER A 441 -5.21 12.80 -2.15
C SER A 441 -4.83 13.57 -0.89
N GLY A 442 -4.18 14.70 -1.09
CA GLY A 442 -3.79 15.56 0.02
C GLY A 442 -2.41 15.24 0.55
N LEU A 443 -1.79 16.25 1.15
CA LEU A 443 -0.43 16.14 1.67
C LEU A 443 -0.45 16.14 3.19
N ALA A 444 0.51 15.44 3.78
CA ALA A 444 0.61 15.33 5.23
C ALA A 444 1.44 16.49 5.80
N LEU A 445 1.21 16.79 7.07
CA LEU A 445 1.86 17.91 7.72
C LEU A 445 1.81 17.73 9.23
N ILE A 446 2.88 18.14 9.91
CA ILE A 446 2.92 18.08 11.37
C ILE A 446 4.09 18.89 11.90
N HIS A 447 3.93 19.50 13.07
CA HIS A 447 4.96 20.27 13.74
C HIS A 447 4.35 20.83 15.02
N HIS A 448 5.18 21.46 15.84
CA HIS A 448 4.75 22.11 17.07
C HIS A 448 3.95 21.13 17.94
N ASN A 449 4.62 20.05 18.34
CA ASN A 449 4.05 19.04 19.24
C ASN A 449 5.14 18.64 20.23
N THR A 450 5.21 19.38 21.34
CA THR A 450 6.33 19.28 22.26
C THR A 450 6.49 17.87 22.82
N HIS A 451 5.51 17.42 23.62
CA HIS A 451 5.61 16.11 24.26
C HIS A 451 5.57 14.96 23.28
N LEU A 452 5.26 15.21 22.00
CA LEU A 452 4.99 14.13 21.06
C LEU A 452 6.21 13.24 20.88
N CYS A 453 5.94 11.93 20.77
CA CYS A 453 6.95 10.93 20.44
C CYS A 453 6.30 9.91 19.51
N PHE A 454 7.01 8.81 19.26
CA PHE A 454 6.55 7.76 18.35
C PHE A 454 5.94 8.37 17.10
N VAL A 455 6.76 9.18 16.41
CA VAL A 455 6.35 9.84 15.19
C VAL A 455 6.96 9.10 14.01
N HIS A 456 8.28 8.96 14.03
CA HIS A 456 9.00 8.29 12.95
C HIS A 456 8.88 6.77 13.01
N THR A 457 7.97 6.25 13.84
CA THR A 457 7.65 4.83 13.85
C THR A 457 6.59 4.46 12.82
N VAL A 458 6.36 5.34 11.84
CA VAL A 458 5.24 5.22 10.92
C VAL A 458 5.80 5.04 9.52
N PRO A 459 5.30 4.07 8.71
CA PRO A 459 5.63 4.05 7.27
C PRO A 459 4.61 4.82 6.45
N TRP A 460 4.66 6.15 6.56
CA TRP A 460 3.69 6.99 5.87
C TRP A 460 3.63 6.65 4.38
N ASP A 461 4.77 6.34 3.77
CA ASP A 461 4.80 6.01 2.35
C ASP A 461 3.84 4.88 2.03
N GLN A 462 3.73 3.90 2.94
CA GLN A 462 2.77 2.82 2.75
C GLN A 462 1.35 3.36 2.66
N LEU A 463 0.97 4.24 3.60
CA LEU A 463 -0.39 4.75 3.62
C LEU A 463 -0.72 5.55 2.37
N PHE A 464 0.29 6.12 1.71
CA PHE A 464 0.04 6.91 0.51
C PHE A 464 -0.58 6.07 -0.59
N ARG A 465 -1.36 6.73 -1.44
CA ARG A 465 -1.83 6.13 -2.69
C ARG A 465 -1.52 7.02 -3.89
N ASN A 466 -0.90 8.18 -3.68
CA ASN A 466 -0.51 9.09 -4.74
C ASN A 466 0.97 9.41 -4.58
N PRO A 467 1.81 9.16 -5.58
CA PRO A 467 3.25 9.42 -5.41
C PRO A 467 3.57 10.84 -4.98
N HIS A 468 2.72 11.81 -5.30
CA HIS A 468 3.00 13.20 -4.93
C HIS A 468 3.11 13.39 -3.42
N GLN A 469 2.54 12.50 -2.63
CA GLN A 469 2.43 12.72 -1.20
C GLN A 469 3.76 12.47 -0.49
N ALA A 470 3.86 13.04 0.70
CA ALA A 470 5.08 12.96 1.52
C ALA A 470 4.69 13.39 2.94
N LEU A 471 5.67 13.82 3.73
CA LEU A 471 5.39 14.35 5.05
C LEU A 471 6.50 15.32 5.44
N LEU A 472 6.10 16.49 5.93
CA LEU A 472 7.02 17.46 6.52
C LEU A 472 6.85 17.47 8.02
N HIS A 473 7.95 17.28 8.74
CA HIS A 473 7.91 17.12 10.18
C HIS A 473 9.09 17.82 10.82
N THR A 474 8.85 18.49 11.95
CA THR A 474 9.89 19.18 12.68
C THR A 474 9.29 19.71 13.98
N ALA A 475 10.12 20.37 14.79
CA ALA A 475 9.68 21.01 16.02
C ALA A 475 9.02 20.02 16.98
N ASN A 476 9.46 18.76 16.94
CA ASN A 476 8.95 17.73 17.82
C ASN A 476 10.10 16.90 18.35
N ARG A 477 9.96 16.44 19.59
CA ARG A 477 11.04 15.70 20.23
C ARG A 477 11.43 14.51 19.36
N PRO A 478 12.70 14.36 19.01
CA PRO A 478 13.10 13.30 18.09
C PRO A 478 13.28 11.95 18.79
N GLU A 479 13.46 10.92 17.97
CA GLU A 479 13.73 9.59 18.51
C GLU A 479 15.00 9.59 19.36
N ASP A 480 16.03 10.31 18.92
CA ASP A 480 17.29 10.34 19.65
C ASP A 480 17.10 10.69 21.11
N GLU A 481 16.04 11.46 21.43
CA GLU A 481 15.73 11.83 22.80
C GLU A 481 14.45 11.19 23.33
N CYS A 482 13.51 10.82 22.46
CA CYS A 482 12.30 10.16 22.93
C CYS A 482 12.62 8.84 23.63
N VAL A 483 13.67 8.15 23.19
CA VAL A 483 14.06 6.88 23.81
C VAL A 483 14.26 7.04 25.31
N GLY A 484 14.50 8.27 25.78
CA GLY A 484 14.62 8.52 27.20
C GLY A 484 13.54 7.82 28.00
N GLU A 485 13.95 7.13 29.07
CA GLU A 485 13.10 6.29 29.91
C GLU A 485 12.73 4.98 29.23
N GLY A 486 13.13 4.76 27.98
CA GLY A 486 12.90 3.49 27.30
C GLY A 486 11.67 3.45 26.42
N LEU A 487 11.52 4.45 25.54
CA LEU A 487 10.44 4.43 24.57
C LEU A 487 10.85 3.61 23.35
N ALA A 488 9.91 2.83 22.83
CA ALA A 488 10.15 2.03 21.64
C ALA A 488 8.84 1.45 21.16
N CYS A 489 8.80 1.14 19.87
CA CYS A 489 7.67 0.41 19.29
C CYS A 489 7.48 -0.91 20.03
N HIS A 490 6.25 -1.42 20.01
CA HIS A 490 5.94 -2.63 20.76
C HIS A 490 6.81 -3.79 20.27
N GLN A 491 6.91 -4.81 21.12
CA GLN A 491 7.80 -5.94 20.85
C GLN A 491 7.40 -6.66 19.56
N LEU A 492 6.17 -7.17 19.51
CA LEU A 492 5.76 -8.06 18.43
C LEU A 492 5.32 -7.33 17.17
N CYS A 493 5.20 -6.01 17.21
CA CYS A 493 4.86 -5.26 16.00
C CYS A 493 5.94 -5.46 14.95
N ALA A 494 5.54 -5.94 13.77
CA ALA A 494 6.50 -6.32 12.74
C ALA A 494 7.26 -5.09 12.23
N ARG A 495 8.58 -5.23 12.16
CA ARG A 495 9.47 -4.22 11.58
C ARG A 495 9.32 -2.85 12.26
N GLY A 496 8.71 -2.81 13.44
CA GLY A 496 8.64 -1.57 14.20
C GLY A 496 7.57 -0.60 13.74
N HIS A 497 6.58 -1.05 12.99
CA HIS A 497 5.54 -0.15 12.43
C HIS A 497 4.48 0.12 13.50
N CYS A 498 4.91 0.81 14.56
CA CYS A 498 4.00 1.22 15.62
C CYS A 498 3.47 2.63 15.37
N TRP A 499 2.29 2.89 15.92
CA TRP A 499 1.83 4.25 16.15
C TRP A 499 2.04 4.68 17.60
N GLY A 500 1.96 3.73 18.53
CA GLY A 500 2.19 4.01 19.92
C GLY A 500 2.53 2.74 20.70
N PRO A 501 2.62 2.85 22.01
CA PRO A 501 2.95 1.69 22.83
C PRO A 501 1.75 0.75 22.97
N GLY A 502 2.04 -0.45 23.48
CA GLY A 502 1.04 -1.49 23.58
C GLY A 502 0.84 -2.18 22.25
N PRO A 503 0.53 -3.49 22.29
CA PRO A 503 0.35 -4.21 21.03
C PRO A 503 -0.82 -3.69 20.22
N THR A 504 -1.82 -3.09 20.88
CA THR A 504 -2.97 -2.58 20.16
C THR A 504 -2.56 -1.77 18.93
N GLN A 505 -1.54 -0.95 19.06
CA GLN A 505 -1.12 -0.06 17.98
C GLN A 505 -0.32 -0.77 16.88
N CYS A 506 -0.39 -2.09 16.79
CA CYS A 506 0.30 -2.81 15.72
C CYS A 506 -0.42 -2.58 14.39
N VAL A 507 0.17 -3.13 13.33
CA VAL A 507 -0.42 -3.07 12.00
C VAL A 507 -0.46 -4.48 11.41
N ASN A 508 0.72 -5.05 11.17
CA ASN A 508 0.86 -6.42 10.68
C ASN A 508 1.72 -7.18 11.67
N CYS A 509 1.11 -7.59 12.77
CA CYS A 509 1.81 -8.30 13.85
C CYS A 509 1.68 -9.79 13.62
N SER A 510 2.79 -10.45 13.27
CA SER A 510 2.76 -11.87 12.94
C SER A 510 2.10 -12.68 14.04
N GLN A 511 2.34 -12.31 15.30
CA GLN A 511 1.66 -12.98 16.40
C GLN A 511 0.17 -12.65 16.36
N PHE A 512 -0.60 -13.47 17.06
CA PHE A 512 -2.04 -13.38 16.96
C PHE A 512 -2.59 -12.33 17.92
N LEU A 513 -3.81 -11.87 17.63
CA LEU A 513 -4.41 -10.75 18.32
C LEU A 513 -5.75 -11.15 18.96
N ARG A 514 -6.11 -10.44 20.03
CA ARG A 514 -7.45 -10.52 20.61
C ARG A 514 -8.14 -9.19 20.34
N GLY A 515 -9.17 -9.20 19.51
CA GLY A 515 -9.86 -7.98 19.16
C GLY A 515 -8.90 -6.89 18.76
N GLN A 516 -8.04 -6.48 19.70
CA GLN A 516 -7.03 -5.47 19.39
C GLN A 516 -5.70 -5.67 20.12
N GLU A 517 -5.38 -6.87 20.62
CA GLU A 517 -4.15 -7.06 21.40
C GLU A 517 -3.32 -8.22 20.83
N CYS A 518 -2.25 -7.88 20.12
CA CYS A 518 -1.33 -8.90 19.59
C CYS A 518 -0.46 -9.45 20.72
N VAL A 519 -0.49 -10.76 20.90
CA VAL A 519 0.33 -11.44 21.90
C VAL A 519 0.67 -12.83 21.37
N GLU A 520 1.59 -13.51 22.07
CA GLU A 520 1.94 -14.88 21.72
C GLU A 520 0.75 -15.81 21.92
N GLU A 521 0.14 -15.76 23.09
CA GLU A 521 -0.81 -16.78 23.53
C GLU A 521 -2.23 -16.39 23.08
N CYS A 522 -2.67 -16.94 21.96
CA CYS A 522 -4.11 -17.20 21.81
C CYS A 522 -4.42 -18.29 22.82
N ARG A 523 -4.39 -17.97 24.10
CA ARG A 523 -4.53 -19.00 25.13
C ARG A 523 -5.65 -19.96 24.76
N VAL A 524 -5.27 -21.13 24.25
CA VAL A 524 -6.23 -22.19 23.96
C VAL A 524 -6.10 -23.21 25.09
N LEU A 525 -7.10 -23.24 25.96
CA LEU A 525 -7.24 -24.20 27.04
C LEU A 525 -6.46 -23.79 28.29
N GLN A 526 -5.56 -22.82 28.19
CA GLN A 526 -4.85 -22.31 29.36
C GLN A 526 -5.40 -20.99 29.86
N GLY A 527 -6.41 -20.44 29.19
CA GLY A 527 -7.17 -19.31 29.71
C GLY A 527 -8.63 -19.71 29.85
N LEU A 528 -9.25 -19.26 30.93
CA LEU A 528 -10.59 -19.75 31.28
C LEU A 528 -11.55 -19.55 30.10
N PRO A 529 -11.90 -18.31 29.71
CA PRO A 529 -12.66 -18.16 28.48
C PRO A 529 -11.87 -18.67 27.29
N ARG A 530 -12.10 -19.93 26.93
CA ARG A 530 -11.32 -20.61 25.91
C ARG A 530 -11.38 -19.83 24.59
N GLU A 531 -10.55 -20.27 23.63
CA GLU A 531 -10.46 -19.57 22.36
C GLU A 531 -10.04 -20.53 21.26
N TYR A 532 -10.30 -20.11 20.02
CA TYR A 532 -9.82 -20.80 18.83
C TYR A 532 -9.17 -19.77 17.90
N VAL A 533 -8.81 -20.16 16.69
CA VAL A 533 -7.94 -19.35 15.85
C VAL A 533 -8.50 -19.25 14.44
N ASN A 534 -8.26 -18.10 13.81
CA ASN A 534 -8.54 -17.88 12.39
C ASN A 534 -7.98 -16.55 11.92
N ALA A 535 -7.27 -16.57 10.80
CA ALA A 535 -6.75 -15.35 10.17
C ALA A 535 -5.83 -14.57 11.13
N ARG A 536 -4.86 -15.30 11.70
CA ARG A 536 -3.86 -14.68 12.58
C ARG A 536 -4.52 -13.91 13.72
N HIS A 537 -5.73 -14.32 14.10
CA HIS A 537 -6.52 -13.60 15.10
C HIS A 537 -7.17 -14.58 16.05
N CYS A 538 -7.20 -14.23 17.34
CA CYS A 538 -7.86 -15.05 18.35
C CYS A 538 -9.36 -14.80 18.32
N LEU A 539 -10.14 -15.86 18.52
CA LEU A 539 -11.59 -15.77 18.59
C LEU A 539 -12.09 -16.42 19.87
N PRO A 540 -13.20 -15.94 20.42
CA PRO A 540 -13.73 -16.52 21.66
C PRO A 540 -14.55 -17.77 21.39
N CYS A 541 -14.24 -18.83 22.12
CA CYS A 541 -14.99 -20.07 21.98
C CYS A 541 -16.47 -19.84 22.28
N HIS A 542 -17.30 -20.79 21.86
CA HIS A 542 -18.72 -20.69 22.08
C HIS A 542 -19.00 -20.63 23.59
N PRO A 543 -20.16 -20.08 23.98
CA PRO A 543 -20.52 -20.11 25.41
C PRO A 543 -20.90 -21.52 25.89
N GLU A 544 -21.82 -22.18 25.17
CA GLU A 544 -22.34 -23.44 25.66
C GLU A 544 -21.27 -24.52 25.76
N CYS A 545 -20.24 -24.47 24.91
CA CYS A 545 -19.22 -25.50 24.97
C CYS A 545 -18.51 -25.44 26.32
N GLN A 546 -18.72 -26.48 27.14
CA GLN A 546 -18.17 -26.53 28.48
C GLN A 546 -16.65 -26.34 28.45
N PRO A 547 -16.05 -25.87 29.54
CA PRO A 547 -14.59 -25.85 29.62
C PRO A 547 -14.01 -27.25 29.49
N GLN A 548 -12.85 -27.34 28.87
CA GLN A 548 -12.11 -28.58 28.70
C GLN A 548 -10.72 -28.39 29.30
N ASN A 549 -9.93 -29.47 29.33
CA ASN A 549 -8.53 -29.36 29.75
C ASN A 549 -7.60 -30.35 29.06
N GLY A 550 -8.08 -31.22 28.18
CA GLY A 550 -7.20 -32.10 27.44
C GLY A 550 -6.50 -31.39 26.31
N SER A 551 -7.28 -30.88 25.35
CA SER A 551 -6.78 -30.04 24.27
C SER A 551 -7.85 -28.98 24.00
N VAL A 552 -7.67 -28.19 22.93
CA VAL A 552 -8.56 -27.09 22.59
C VAL A 552 -10.01 -27.46 22.88
N THR A 553 -10.75 -26.52 23.47
CA THR A 553 -12.12 -26.77 23.92
C THR A 553 -13.16 -26.61 22.82
N CYS A 554 -12.85 -25.86 21.77
CA CYS A 554 -13.82 -25.57 20.71
C CYS A 554 -13.20 -25.85 19.35
N PHE A 555 -14.07 -26.00 18.36
CA PHE A 555 -13.66 -26.25 16.99
C PHE A 555 -14.33 -25.34 15.97
N GLY A 556 -15.39 -24.62 16.35
CA GLY A 556 -16.04 -23.69 15.47
C GLY A 556 -16.76 -22.58 16.23
N PRO A 557 -16.94 -21.42 15.59
CA PRO A 557 -17.57 -20.30 16.31
C PRO A 557 -18.95 -20.62 16.86
N GLU A 558 -19.81 -21.25 16.06
CA GLU A 558 -21.20 -21.45 16.44
C GLU A 558 -21.34 -22.57 17.46
N ALA A 559 -22.59 -22.82 17.87
CA ALA A 559 -22.85 -23.88 18.83
C ALA A 559 -22.46 -25.25 18.28
N ASP A 560 -22.64 -25.46 16.98
CA ASP A 560 -22.15 -26.68 16.36
C ASP A 560 -20.63 -26.64 16.29
N GLN A 561 -20.04 -27.73 15.81
CA GLN A 561 -18.59 -27.85 15.73
C GLN A 561 -17.95 -27.61 17.09
N CYS A 562 -18.60 -28.11 18.14
CA CYS A 562 -18.08 -28.06 19.50
C CYS A 562 -17.86 -29.48 20.01
N VAL A 563 -17.20 -29.57 21.16
CA VAL A 563 -16.87 -30.87 21.74
C VAL A 563 -17.38 -30.94 23.17
N ALA A 564 -16.96 -29.99 24.01
CA ALA A 564 -17.28 -30.02 25.44
C ALA A 564 -18.72 -29.56 25.64
N CYS A 565 -19.64 -30.52 25.62
CA CYS A 565 -21.06 -30.23 25.85
C CYS A 565 -21.36 -30.21 27.35
N ALA A 566 -22.22 -29.28 27.75
CA ALA A 566 -22.64 -29.18 29.15
C ALA A 566 -23.83 -30.10 29.39
N ASP A 570 -30.60 -29.12 18.46
CA ASP A 570 -30.31 -29.66 19.78
C ASP A 570 -29.38 -30.89 19.73
N PRO A 571 -29.62 -31.80 18.79
CA PRO A 571 -28.76 -32.99 18.70
C PRO A 571 -27.29 -32.61 18.52
N PRO A 572 -26.96 -31.69 17.60
CA PRO A 572 -25.56 -31.29 17.47
C PRO A 572 -25.12 -30.24 18.48
N PHE A 573 -26.05 -29.52 19.08
CA PHE A 573 -25.70 -28.51 20.08
C PHE A 573 -25.30 -29.19 21.39
N CYS A 574 -24.92 -28.36 22.37
CA CYS A 574 -24.60 -28.84 23.71
C CYS A 574 -25.87 -28.92 24.56
N VAL A 575 -26.54 -27.80 24.75
CA VAL A 575 -27.79 -27.74 25.49
C VAL A 575 -28.32 -26.31 25.48
N GLY B 13 20.76 -74.75 9.85
CA GLY B 13 22.00 -74.05 10.09
C GLY B 13 21.84 -72.54 10.06
N PRO B 14 22.94 -71.82 10.25
CA PRO B 14 22.87 -70.35 10.25
C PRO B 14 22.73 -69.81 8.84
N SER B 15 22.35 -68.52 8.77
CA SER B 15 22.19 -67.83 7.50
C SER B 15 22.17 -66.34 7.78
N VAL B 16 22.54 -65.55 6.76
CA VAL B 16 22.73 -64.12 6.93
C VAL B 16 22.29 -63.40 5.65
N PHE B 17 21.65 -62.25 5.82
CA PHE B 17 21.27 -61.37 4.72
C PHE B 17 21.77 -59.96 5.03
N LEU B 18 21.67 -59.07 4.04
CA LEU B 18 22.20 -57.72 4.15
C LEU B 18 21.07 -56.71 4.39
N PHE B 19 21.43 -55.42 4.38
CA PHE B 19 20.49 -54.34 4.61
C PHE B 19 20.64 -53.29 3.51
N PRO B 20 19.55 -52.80 2.94
CA PRO B 20 19.65 -51.84 1.82
C PRO B 20 19.91 -50.43 2.32
N PRO B 21 20.11 -49.46 1.41
CA PRO B 21 20.27 -48.06 1.85
C PRO B 21 18.97 -47.43 2.31
N LYS B 22 19.02 -46.17 2.73
CA LYS B 22 17.85 -45.46 3.22
C LYS B 22 17.37 -44.45 2.19
N PRO B 23 16.10 -44.49 1.77
CA PRO B 23 15.62 -43.49 0.80
C PRO B 23 15.85 -42.07 1.25
N LYS B 24 15.73 -41.78 2.55
CA LYS B 24 16.00 -40.44 3.04
C LYS B 24 17.40 -39.98 2.66
N ASP B 25 18.36 -40.91 2.60
CA ASP B 25 19.72 -40.56 2.21
C ASP B 25 19.86 -40.55 0.69
N THR B 26 19.21 -41.48 0.00
CA THR B 26 19.20 -41.44 -1.46
C THR B 26 18.33 -40.27 -1.92
N LEU B 27 18.50 -39.91 -3.19
CA LEU B 27 17.81 -38.77 -3.80
C LEU B 27 18.17 -37.45 -3.14
N MET B 28 19.14 -37.44 -2.21
CA MET B 28 19.65 -36.24 -1.59
C MET B 28 21.16 -36.27 -1.72
N ILE B 29 21.72 -35.27 -2.41
CA ILE B 29 23.11 -35.33 -2.82
C ILE B 29 24.03 -35.29 -1.59
N SER B 30 23.88 -34.27 -0.76
CA SER B 30 24.77 -34.11 0.39
C SER B 30 24.76 -35.35 1.29
N ARG B 31 23.62 -36.03 1.39
CA ARG B 31 23.53 -37.23 2.20
C ARG B 31 24.37 -38.35 1.58
N THR B 32 24.67 -39.36 2.40
CA THR B 32 25.48 -40.50 1.99
C THR B 32 24.79 -41.78 2.44
N PRO B 33 23.96 -42.39 1.59
CA PRO B 33 23.37 -43.69 1.95
C PRO B 33 24.44 -44.73 2.23
N GLU B 34 24.03 -45.94 2.64
CA GLU B 34 24.98 -46.96 3.06
C GLU B 34 24.41 -48.33 2.75
N VAL B 35 24.96 -49.00 1.75
CA VAL B 35 24.67 -50.42 1.54
C VAL B 35 25.42 -51.21 2.60
N THR B 36 24.66 -51.91 3.45
CA THR B 36 25.20 -52.51 4.66
C THR B 36 24.96 -54.01 4.65
N CYS B 37 25.97 -54.77 5.10
CA CYS B 37 25.95 -56.23 5.10
C CYS B 37 26.20 -56.71 6.52
N VAL B 38 25.12 -56.93 7.27
CA VAL B 38 25.21 -57.36 8.65
C VAL B 38 25.48 -58.87 8.70
N VAL B 39 26.14 -59.31 9.77
CA VAL B 39 26.41 -60.72 10.01
C VAL B 39 26.19 -61.00 11.49
N VAL B 40 25.60 -62.15 11.79
CA VAL B 40 25.23 -62.52 13.16
C VAL B 40 25.49 -64.00 13.37
N ASP B 41 25.28 -64.45 14.61
CA ASP B 41 25.33 -65.86 14.97
C ASP B 41 26.67 -66.49 14.58
N VAL B 42 27.75 -65.96 15.17
CA VAL B 42 29.05 -66.60 15.02
C VAL B 42 29.05 -67.92 15.80
N SER B 43 29.92 -68.83 15.37
CA SER B 43 30.07 -70.09 16.06
C SER B 43 30.90 -69.92 17.32
N HIS B 44 30.50 -70.59 18.40
CA HIS B 44 31.22 -70.49 19.66
C HIS B 44 32.68 -70.90 19.52
N GLU B 45 33.04 -71.60 18.45
CA GLU B 45 34.42 -72.04 18.25
C GLU B 45 34.89 -71.86 16.81
N ASP B 46 34.09 -71.26 15.92
CA ASP B 46 34.49 -71.04 14.53
C ASP B 46 33.87 -69.74 14.04
N PRO B 47 34.32 -68.60 14.57
CA PRO B 47 33.68 -67.32 14.26
C PRO B 47 34.29 -66.52 13.12
N GLU B 48 35.48 -66.88 12.64
CA GLU B 48 36.20 -66.04 11.69
C GLU B 48 35.33 -65.72 10.48
N VAL B 49 35.60 -64.55 9.87
CA VAL B 49 34.85 -64.08 8.71
C VAL B 49 35.55 -62.87 8.11
N LYS B 50 35.40 -62.69 6.79
CA LYS B 50 35.93 -61.53 6.09
C LYS B 50 35.02 -61.23 4.90
N PHE B 51 35.03 -59.97 4.47
CA PHE B 51 34.12 -59.50 3.43
C PHE B 51 34.85 -59.26 2.11
N ASN B 52 34.05 -59.19 1.05
CA ASN B 52 34.53 -58.78 -0.28
C ASN B 52 33.33 -58.27 -1.06
N TRP B 53 33.38 -57.02 -1.50
CA TRP B 53 32.27 -56.37 -2.17
C TRP B 53 32.47 -56.39 -3.68
N TYR B 54 31.47 -56.90 -4.40
CA TYR B 54 31.53 -57.03 -5.85
C TYR B 54 30.47 -56.17 -6.51
N VAL B 55 30.72 -55.82 -7.77
CA VAL B 55 29.80 -55.05 -8.60
C VAL B 55 29.53 -55.89 -9.83
N ASP B 56 28.37 -56.55 -9.86
CA ASP B 56 28.02 -57.48 -10.94
C ASP B 56 29.05 -58.59 -11.10
N GLY B 57 29.87 -58.81 -10.07
CA GLY B 57 30.97 -59.74 -10.16
C GLY B 57 32.30 -59.04 -10.41
N VAL B 58 32.45 -57.84 -9.83
CA VAL B 58 33.65 -57.03 -10.00
C VAL B 58 34.06 -56.53 -8.61
N GLU B 59 35.19 -57.02 -8.13
CA GLU B 59 35.67 -56.68 -6.79
C GLU B 59 36.25 -55.27 -6.76
N VAL B 60 35.94 -54.54 -5.68
CA VAL B 60 36.50 -53.21 -5.46
C VAL B 60 37.31 -53.15 -4.18
N HIS B 61 36.81 -53.76 -3.10
CA HIS B 61 37.50 -53.80 -1.80
C HIS B 61 37.83 -52.38 -1.34
N ASN B 62 36.77 -51.59 -1.12
CA ASN B 62 36.89 -50.21 -0.69
C ASN B 62 35.85 -49.89 0.37
N ALA B 63 35.56 -50.84 1.24
CA ALA B 63 34.54 -50.70 2.26
C ALA B 63 35.17 -50.36 3.62
N LYS B 64 34.31 -50.01 4.57
CA LYS B 64 34.71 -49.68 5.93
C LYS B 64 34.02 -50.64 6.89
N THR B 65 34.77 -51.62 7.38
CA THR B 65 34.25 -52.62 8.31
C THR B 65 34.37 -52.14 9.74
N LYS B 66 33.46 -52.62 10.59
CA LYS B 66 33.35 -52.19 11.97
C LYS B 66 33.61 -53.36 12.92
N PRO B 67 33.88 -53.08 14.20
CA PRO B 67 34.12 -54.17 15.16
C PRO B 67 32.90 -55.05 15.40
N ARG B 68 32.92 -55.83 16.48
CA ARG B 68 31.86 -56.78 16.79
C ARG B 68 31.01 -56.27 17.95
N GLU B 69 29.93 -57.00 18.22
CA GLU B 69 29.02 -56.69 19.31
C GLU B 69 28.35 -57.97 19.77
N GLU B 70 28.52 -58.32 21.03
CA GLU B 70 27.90 -59.54 21.56
C GLU B 70 26.40 -59.37 21.68
N GLN B 71 25.71 -60.50 21.82
CA GLN B 71 24.25 -60.52 21.91
C GLN B 71 23.81 -61.55 22.94
N TYR B 72 22.51 -61.54 23.23
CA TYR B 72 21.95 -62.51 24.16
C TYR B 72 22.07 -63.93 23.63
N ASN B 73 22.30 -64.09 22.33
CA ASN B 73 22.49 -65.41 21.72
C ASN B 73 23.86 -66.01 22.02
N SER B 74 24.67 -65.37 22.85
CA SER B 74 26.04 -65.79 23.12
C SER B 74 26.91 -65.75 21.87
N THR B 75 26.52 -64.94 20.89
CA THR B 75 27.25 -64.78 19.64
C THR B 75 27.56 -63.30 19.43
N TYR B 76 28.19 -63.00 18.29
CA TYR B 76 28.66 -61.66 17.97
C TYR B 76 27.98 -61.16 16.70
N ARG B 77 27.93 -59.84 16.57
CA ARG B 77 27.38 -59.17 15.40
C ARG B 77 28.50 -58.50 14.62
N VAL B 78 28.50 -58.69 13.30
CA VAL B 78 29.52 -58.12 12.42
C VAL B 78 28.83 -57.44 11.25
N VAL B 79 29.48 -56.40 10.71
CA VAL B 79 28.89 -55.62 9.62
C VAL B 79 29.98 -54.76 9.01
N SER B 80 29.76 -54.32 7.77
CA SER B 80 30.63 -53.37 7.09
C SER B 80 29.79 -52.43 6.24
N VAL B 81 30.20 -51.17 6.19
CA VAL B 81 29.52 -50.14 5.41
C VAL B 81 30.16 -50.07 4.03
N LEU B 82 29.35 -49.76 3.02
CA LEU B 82 29.81 -49.59 1.65
C LEU B 82 29.49 -48.18 1.17
N THR B 83 30.46 -47.56 0.50
CA THR B 83 30.32 -46.18 0.04
C THR B 83 29.35 -46.09 -1.14
N VAL B 84 28.74 -44.91 -1.30
CA VAL B 84 27.89 -44.64 -2.44
C VAL B 84 28.15 -43.24 -2.97
N LEU B 85 28.39 -43.14 -4.27
CA LEU B 85 27.84 -42.06 -5.07
C LEU B 85 26.55 -42.59 -5.67
N HIS B 86 25.50 -41.77 -5.66
CA HIS B 86 24.16 -42.30 -5.91
C HIS B 86 23.95 -42.74 -7.36
N GLN B 87 24.70 -42.16 -8.31
CA GLN B 87 24.44 -42.39 -9.73
C GLN B 87 24.11 -43.84 -10.06
N ASP B 88 25.08 -44.75 -9.89
CA ASP B 88 24.89 -46.13 -10.30
C ASP B 88 23.64 -46.74 -9.67
N TRP B 89 23.28 -46.30 -8.46
CA TRP B 89 22.00 -46.72 -7.89
C TRP B 89 20.82 -45.95 -8.49
N LEU B 90 21.05 -44.69 -8.89
CA LEU B 90 19.98 -43.91 -9.49
C LEU B 90 19.58 -44.50 -10.85
N ASN B 91 20.56 -44.85 -11.68
CA ASN B 91 20.28 -45.44 -12.98
C ASN B 91 20.10 -46.95 -12.93
N GLY B 92 20.54 -47.59 -11.85
CA GLY B 92 20.38 -49.03 -11.71
C GLY B 92 21.71 -49.77 -11.70
N LYS B 93 21.96 -50.53 -10.63
CA LYS B 93 23.18 -51.30 -10.51
C LYS B 93 23.02 -52.29 -9.36
N GLU B 94 23.59 -53.49 -9.54
CA GLU B 94 23.49 -54.54 -8.55
C GLU B 94 24.74 -54.59 -7.69
N TYR B 95 24.56 -55.00 -6.44
CA TYR B 95 25.65 -55.16 -5.48
C TYR B 95 25.64 -56.57 -4.93
N LYS B 96 26.74 -56.96 -4.28
CA LYS B 96 26.90 -58.31 -3.80
C LYS B 96 27.89 -58.32 -2.64
N CYS B 97 27.46 -58.83 -1.49
CA CYS B 97 28.31 -58.96 -0.31
C CYS B 97 28.76 -60.41 -0.21
N LYS B 98 30.06 -60.64 -0.36
CA LYS B 98 30.64 -61.97 -0.29
C LYS B 98 31.25 -62.17 1.10
N VAL B 99 30.73 -63.15 1.83
CA VAL B 99 31.21 -63.47 3.18
C VAL B 99 31.61 -64.94 3.20
N SER B 100 31.94 -65.45 4.38
CA SER B 100 32.37 -66.84 4.51
C SER B 100 32.49 -67.19 5.99
N ASN B 101 32.85 -68.46 6.24
CA ASN B 101 33.09 -68.98 7.57
C ASN B 101 33.56 -70.43 7.44
N LYS B 102 33.64 -71.16 8.54
CA LYS B 102 33.88 -72.59 8.49
C LYS B 102 32.62 -73.41 8.77
N ALA B 103 31.72 -72.91 9.61
CA ALA B 103 30.48 -73.62 9.90
C ALA B 103 29.68 -73.89 8.63
N LEU B 104 29.88 -73.09 7.58
CA LEU B 104 29.20 -73.28 6.31
C LEU B 104 30.25 -73.36 5.20
N PRO B 105 30.21 -74.40 4.35
CA PRO B 105 31.23 -74.53 3.30
C PRO B 105 31.02 -73.63 2.11
N ALA B 106 29.84 -72.98 1.99
CA ALA B 106 29.51 -72.22 0.80
C ALA B 106 29.70 -70.72 1.02
N PRO B 107 30.08 -69.98 -0.02
CA PRO B 107 30.09 -68.51 0.10
C PRO B 107 28.68 -67.93 0.01
N ILE B 108 28.57 -66.61 -0.16
CA ILE B 108 27.29 -65.93 -0.26
C ILE B 108 27.28 -65.08 -1.52
N GLU B 109 26.13 -65.03 -2.18
CA GLU B 109 25.96 -64.22 -3.39
C GLU B 109 24.49 -63.79 -3.44
N LYS B 110 24.24 -62.50 -3.23
CA LYS B 110 22.88 -61.96 -3.18
C LYS B 110 22.74 -60.87 -4.23
N THR B 111 21.69 -60.97 -5.04
CA THR B 111 21.45 -60.02 -6.12
C THR B 111 20.48 -58.93 -5.68
N ILE B 112 20.88 -58.21 -4.62
CA ILE B 112 20.10 -57.08 -4.12
C ILE B 112 20.41 -55.86 -4.98
N SER B 113 19.38 -55.09 -5.30
CA SER B 113 19.55 -53.95 -6.20
C SER B 113 18.26 -53.16 -6.25
N LYS B 114 18.33 -52.01 -6.92
CA LYS B 114 17.13 -51.24 -7.22
C LYS B 114 16.29 -51.95 -8.28
N ALA B 115 14.99 -51.73 -8.23
CA ALA B 115 14.06 -52.30 -9.19
C ALA B 115 13.58 -51.21 -10.15
N LYS B 116 12.89 -51.65 -11.20
CA LYS B 116 12.38 -50.75 -12.22
C LYS B 116 11.03 -51.23 -12.72
N GLY B 117 10.20 -50.27 -13.13
CA GLY B 117 8.92 -50.56 -13.73
C GLY B 117 8.37 -49.32 -14.40
N GLN B 118 7.12 -48.97 -14.09
CA GLN B 118 6.54 -47.71 -14.55
C GLN B 118 6.53 -46.74 -13.37
N PRO B 119 7.50 -45.83 -13.25
CA PRO B 119 7.49 -44.91 -12.11
C PRO B 119 6.25 -44.05 -12.10
N ARG B 120 5.73 -43.81 -10.89
CA ARG B 120 4.51 -43.04 -10.70
C ARG B 120 4.80 -41.84 -9.82
N GLU B 121 4.41 -40.66 -10.29
CA GLU B 121 4.63 -39.43 -9.53
C GLU B 121 3.74 -39.43 -8.30
N PRO B 122 4.29 -39.35 -7.08
CA PRO B 122 3.46 -39.44 -5.88
C PRO B 122 2.28 -38.48 -5.85
N GLN B 123 1.08 -39.05 -5.76
CA GLN B 123 -0.14 -38.29 -5.58
C GLN B 123 -0.30 -38.00 -4.08
N VAL B 124 -0.21 -36.73 -3.70
CA VAL B 124 0.05 -36.35 -2.31
C VAL B 124 -1.01 -35.37 -1.82
N TYR B 125 -1.07 -35.23 -0.49
CA TYR B 125 -2.02 -34.32 0.16
C TYR B 125 -1.90 -34.31 1.68
N THR B 126 -2.73 -33.50 2.33
CA THR B 126 -2.84 -33.45 3.78
C THR B 126 -4.31 -33.57 4.18
N LEU B 127 -4.55 -34.01 5.41
CA LEU B 127 -5.89 -34.14 5.93
C LEU B 127 -5.86 -33.98 7.43
N PRO B 128 -6.93 -33.45 8.03
CA PRO B 128 -6.94 -33.26 9.48
C PRO B 128 -7.40 -34.53 10.19
N PRO B 129 -7.47 -34.51 11.52
CA PRO B 129 -8.16 -35.57 12.24
C PRO B 129 -9.66 -35.33 12.19
N SER B 130 -10.42 -36.26 12.78
CA SER B 130 -11.87 -36.17 12.77
C SER B 130 -12.36 -35.49 14.05
N ARG B 131 -13.40 -34.67 13.89
CA ARG B 131 -14.04 -34.05 15.05
C ARG B 131 -14.29 -35.08 16.15
N ASP B 132 -14.85 -36.23 15.77
CA ASP B 132 -15.17 -37.26 16.75
C ASP B 132 -13.93 -37.95 17.30
N GLU B 133 -12.82 -37.95 16.57
CA GLU B 133 -11.59 -38.55 17.06
C GLU B 133 -10.81 -37.65 17.98
N TYR B 134 -11.40 -36.52 18.37
CA TYR B 134 -10.71 -35.59 19.25
C TYR B 134 -10.44 -36.22 20.61
N LEU B 135 -11.49 -36.71 21.26
CA LEU B 135 -11.39 -37.38 22.57
C LEU B 135 -10.58 -36.48 23.50
N TYR B 136 -9.80 -37.09 24.39
CA TYR B 136 -8.85 -36.39 25.23
C TYR B 136 -7.61 -37.27 25.35
N GLY B 137 -6.45 -36.67 25.14
CA GLY B 137 -5.21 -37.43 25.16
C GLY B 137 -4.33 -37.15 23.95
N ASP B 138 -3.70 -38.20 23.42
CA ASP B 138 -2.76 -38.07 22.31
C ASP B 138 -3.53 -38.06 21.00
N VAL B 139 -3.77 -36.87 20.46
CA VAL B 139 -4.48 -36.76 19.18
C VAL B 139 -3.55 -37.16 18.03
N SER B 140 -4.16 -37.52 16.91
CA SER B 140 -3.44 -37.96 15.73
C SER B 140 -3.32 -36.84 14.71
N LEU B 141 -2.20 -36.83 14.00
CA LEU B 141 -2.02 -36.01 12.81
C LEU B 141 -1.40 -36.88 11.72
N THR B 142 -1.82 -36.67 10.47
CA THR B 142 -1.51 -37.59 9.40
C THR B 142 -1.11 -36.84 8.14
N CYS B 143 -0.62 -37.60 7.16
CA CYS B 143 -0.27 -37.11 5.84
C CYS B 143 -0.09 -38.30 4.91
N LEU B 144 -0.79 -38.29 3.78
CA LEU B 144 -0.92 -39.48 2.95
C LEU B 144 -0.26 -39.31 1.60
N VAL B 145 0.06 -40.45 0.98
CA VAL B 145 0.66 -40.49 -0.35
C VAL B 145 0.15 -41.75 -1.04
N LYS B 146 -0.14 -41.63 -2.34
CA LYS B 146 -0.50 -42.79 -3.15
C LYS B 146 -0.09 -42.51 -4.59
N GLY B 147 -0.32 -43.49 -5.46
CA GLY B 147 0.06 -43.36 -6.86
C GLY B 147 1.53 -43.15 -7.06
N PHE B 148 2.37 -43.85 -6.31
CA PHE B 148 3.82 -43.73 -6.41
C PHE B 148 4.43 -45.11 -6.63
N TYR B 149 5.63 -45.10 -7.21
CA TYR B 149 6.33 -46.34 -7.54
C TYR B 149 7.83 -46.04 -7.69
N PRO B 150 8.69 -46.89 -7.10
CA PRO B 150 8.44 -48.11 -6.34
C PRO B 150 8.22 -47.89 -4.85
N SER B 151 8.30 -48.96 -4.06
CA SER B 151 8.03 -48.91 -2.64
C SER B 151 9.16 -48.27 -1.83
N ASP B 152 10.36 -48.16 -2.40
CA ASP B 152 11.49 -47.56 -1.69
C ASP B 152 11.21 -46.08 -1.49
N ILE B 153 10.73 -45.71 -0.30
CA ILE B 153 10.43 -44.32 0.00
C ILE B 153 10.31 -44.15 1.51
N ALA B 154 10.72 -43.00 2.00
CA ALA B 154 10.54 -42.62 3.39
C ALA B 154 10.40 -41.10 3.45
N VAL B 155 9.56 -40.62 4.36
CA VAL B 155 9.23 -39.21 4.44
C VAL B 155 9.40 -38.74 5.88
N GLU B 156 9.26 -37.42 6.07
CA GLU B 156 9.40 -36.81 7.39
C GLU B 156 8.53 -35.56 7.43
N TRP B 157 8.52 -34.92 8.60
CA TRP B 157 7.67 -33.76 8.85
C TRP B 157 8.51 -32.48 8.85
N GLU B 158 7.80 -31.36 8.78
CA GLU B 158 8.40 -30.05 8.94
C GLU B 158 7.34 -29.11 9.51
N SER B 159 7.79 -28.12 10.27
CA SER B 159 6.87 -27.24 10.99
C SER B 159 7.47 -25.84 11.03
N ASN B 160 6.94 -24.93 10.23
CA ASN B 160 7.47 -23.57 10.11
C ASN B 160 8.96 -23.60 9.78
N GLY B 161 9.40 -24.68 9.13
CA GLY B 161 10.80 -24.90 8.86
C GLY B 161 11.52 -25.79 9.85
N GLN B 162 10.89 -26.09 10.99
CA GLN B 162 11.50 -26.90 12.03
C GLN B 162 11.00 -28.34 11.95
N PRO B 163 11.78 -29.30 12.44
CA PRO B 163 11.43 -30.73 12.26
C PRO B 163 10.53 -31.29 13.36
N GLU B 164 10.16 -32.56 13.21
CA GLU B 164 9.40 -33.29 14.22
C GLU B 164 9.90 -34.73 14.24
N ASN B 165 9.83 -35.36 15.42
CA ASN B 165 10.45 -36.67 15.60
C ASN B 165 9.49 -37.72 16.14
N ASN B 166 8.45 -37.31 16.86
CA ASN B 166 7.54 -38.28 17.48
C ASN B 166 6.61 -38.97 16.46
N TYR B 167 6.89 -38.86 15.16
CA TYR B 167 6.04 -39.43 14.13
C TYR B 167 6.34 -40.91 13.93
N LYS B 168 5.43 -41.59 13.23
CA LYS B 168 5.64 -42.94 12.75
C LYS B 168 4.92 -43.06 11.41
N THR B 169 5.05 -44.22 10.76
CA THR B 169 4.44 -44.41 9.45
C THR B 169 4.25 -45.90 9.19
N THR B 170 3.81 -46.22 7.98
CA THR B 170 3.48 -47.58 7.57
C THR B 170 4.16 -47.89 6.25
N PRO B 171 4.33 -49.18 5.94
CA PRO B 171 4.88 -49.56 4.62
C PRO B 171 3.84 -49.42 3.53
N PRO B 172 4.21 -49.64 2.27
CA PRO B 172 3.26 -49.54 1.17
C PRO B 172 2.58 -50.87 0.88
N VAL B 173 1.57 -50.81 0.00
CA VAL B 173 0.81 -51.98 -0.41
C VAL B 173 0.37 -51.79 -1.85
N LEU B 174 0.13 -52.91 -2.53
CA LEU B 174 -0.31 -52.90 -3.92
C LEU B 174 -1.83 -52.97 -4.00
N ASP B 175 -2.37 -52.47 -5.12
CA ASP B 175 -3.80 -52.53 -5.39
C ASP B 175 -4.00 -52.72 -6.90
N SER B 176 -5.23 -52.49 -7.36
CA SER B 176 -5.53 -52.65 -8.78
C SER B 176 -4.90 -51.56 -9.64
N ASP B 177 -4.44 -50.47 -9.03
CA ASP B 177 -3.86 -49.36 -9.77
C ASP B 177 -2.40 -49.60 -10.17
N GLY B 178 -1.80 -50.71 -9.73
CA GLY B 178 -0.41 -50.96 -10.05
C GLY B 178 0.56 -50.00 -9.40
N SER B 179 0.15 -49.35 -8.32
CA SER B 179 1.01 -48.40 -7.61
C SER B 179 0.96 -48.77 -6.13
N PHE B 180 1.39 -47.83 -5.27
CA PHE B 180 1.45 -48.05 -3.84
C PHE B 180 0.77 -46.89 -3.12
N PHE B 181 0.58 -47.07 -1.81
CA PHE B 181 -0.21 -46.13 -1.02
C PHE B 181 0.02 -46.40 0.46
N LEU B 182 0.02 -45.33 1.26
CA LEU B 182 0.18 -45.44 2.70
C LEU B 182 0.01 -44.07 3.37
N TYR B 183 0.07 -44.04 4.70
CA TYR B 183 0.03 -42.80 5.45
C TYR B 183 1.10 -42.83 6.54
N SER B 184 1.26 -41.70 7.21
CA SER B 184 2.21 -41.56 8.31
C SER B 184 1.50 -40.97 9.53
N LYS B 185 1.60 -41.66 10.65
CA LYS B 185 1.02 -41.17 11.89
C LYS B 185 1.97 -40.19 12.58
N LEU B 186 1.37 -39.21 13.26
CA LEU B 186 2.13 -38.26 14.07
C LEU B 186 1.45 -38.16 15.43
N THR B 187 2.07 -38.72 16.45
CA THR B 187 1.56 -38.57 17.81
C THR B 187 1.60 -37.11 18.22
N VAL B 188 0.54 -36.67 18.90
CA VAL B 188 0.41 -35.28 19.32
C VAL B 188 -0.18 -35.28 20.73
N PRO B 189 0.64 -35.33 21.77
CA PRO B 189 0.12 -35.52 23.13
C PRO B 189 -0.49 -34.24 23.70
N ARG B 190 -1.20 -34.43 24.81
CA ARG B 190 -1.83 -33.31 25.51
C ARG B 190 -0.79 -32.41 26.13
N HIS B 191 -1.13 -31.13 26.27
CA HIS B 191 -0.29 -30.15 26.95
C HIS B 191 1.15 -30.23 26.47
N SER B 192 1.34 -30.28 25.15
CA SER B 192 2.64 -30.54 24.57
C SER B 192 2.92 -29.58 23.43
N ALA B 193 4.14 -29.66 22.91
CA ALA B 193 4.57 -28.82 21.80
C ALA B 193 4.03 -29.30 20.46
N ARG B 194 3.57 -30.56 20.37
CA ARG B 194 3.04 -31.06 19.12
C ARG B 194 1.73 -30.38 18.75
N MET B 195 0.91 -30.04 19.75
CA MET B 195 -0.41 -29.49 19.50
C MET B 195 -0.48 -27.97 19.60
N TRP B 196 0.43 -27.34 20.34
CA TRP B 196 0.37 -25.90 20.52
C TRP B 196 0.30 -25.20 19.17
N ARG B 197 1.16 -25.61 18.23
CA ARG B 197 1.12 -25.04 16.88
C ARG B 197 -0.19 -25.40 16.18
N TRP B 198 -0.59 -26.68 16.23
CA TRP B 198 -1.79 -27.11 15.54
C TRP B 198 -3.00 -26.29 15.97
N ALA B 199 -3.22 -26.17 17.28
CA ALA B 199 -4.30 -25.33 17.77
C ALA B 199 -4.16 -23.90 17.26
N HIS B 200 -2.93 -23.40 17.20
CA HIS B 200 -2.67 -22.07 16.68
C HIS B 200 -2.59 -22.04 15.15
N GLY B 201 -2.72 -23.19 14.50
CA GLY B 201 -2.87 -23.24 13.05
C GLY B 201 -1.75 -22.60 12.28
N ASN B 202 -0.52 -23.10 12.47
CA ASN B 202 0.63 -22.61 11.74
C ASN B 202 0.94 -23.57 10.59
N VAL B 203 2.11 -23.39 9.97
CA VAL B 203 2.47 -24.13 8.78
C VAL B 203 2.89 -25.54 9.18
N PHE B 204 2.02 -26.51 8.93
CA PHE B 204 2.37 -27.92 8.96
C PHE B 204 2.33 -28.47 7.54
N SER B 205 3.19 -29.45 7.28
CA SER B 205 3.30 -30.00 5.94
C SER B 205 3.98 -31.37 6.01
N CYS B 206 4.12 -32.00 4.85
CA CYS B 206 4.71 -33.33 4.73
C CYS B 206 5.89 -33.24 3.77
N SER B 207 7.09 -33.46 4.29
CA SER B 207 8.30 -33.44 3.46
C SER B 207 8.47 -34.81 2.81
N VAL B 208 8.27 -34.88 1.50
CA VAL B 208 8.26 -36.14 0.77
C VAL B 208 9.46 -36.18 -0.17
N MET B 209 10.00 -37.39 -0.37
CA MET B 209 11.11 -37.61 -1.28
C MET B 209 10.87 -38.92 -2.01
N HIS B 210 11.04 -38.88 -3.33
CA HIS B 210 10.71 -40.03 -4.18
C HIS B 210 11.35 -39.82 -5.55
N GLU B 211 11.57 -40.94 -6.25
CA GLU B 211 12.24 -40.88 -7.54
C GLU B 211 11.39 -40.17 -8.57
N ALA B 212 10.16 -40.64 -8.79
CA ALA B 212 9.30 -40.07 -9.82
C ALA B 212 8.93 -38.61 -9.54
N LEU B 213 9.18 -38.10 -8.34
CA LEU B 213 8.83 -36.73 -8.03
C LEU B 213 9.58 -35.75 -8.92
N HIS B 214 8.87 -34.77 -9.45
CA HIS B 214 9.50 -33.68 -10.18
C HIS B 214 10.52 -33.00 -9.28
N ASN B 215 11.78 -32.96 -9.72
CA ASN B 215 12.89 -32.50 -8.91
C ASN B 215 13.10 -33.38 -7.68
N HIS B 216 12.51 -34.57 -7.68
CA HIS B 216 12.64 -35.53 -6.58
C HIS B 216 12.15 -34.95 -5.26
N TYR B 217 11.15 -34.06 -5.32
CA TYR B 217 10.60 -33.51 -4.09
C TYR B 217 9.32 -32.73 -4.40
N THR B 218 8.35 -32.82 -3.49
CA THR B 218 7.19 -31.94 -3.48
C THR B 218 6.78 -31.74 -2.03
N GLN B 219 5.69 -31.01 -1.83
CA GLN B 219 5.26 -30.68 -0.48
C GLN B 219 3.82 -30.18 -0.52
N LYS B 220 3.14 -30.31 0.62
CA LYS B 220 1.77 -29.86 0.75
C LYS B 220 1.57 -29.26 2.14
N SER B 221 1.08 -28.03 2.19
CA SER B 221 0.87 -27.35 3.46
C SER B 221 -0.32 -27.94 4.20
N LEU B 222 -0.53 -27.46 5.43
CA LEU B 222 -1.63 -27.94 6.25
C LEU B 222 -1.87 -26.98 7.41
N SER B 223 -3.14 -26.77 7.73
CA SER B 223 -3.55 -25.94 8.87
C SER B 223 -5.07 -26.07 8.98
N LEU B 224 -5.66 -25.22 9.81
CA LEU B 224 -7.11 -25.21 9.99
C LEU B 224 -7.77 -24.24 9.00
#